data_5DRY
#
_entry.id   5DRY
#
_cell.length_a   158.760
_cell.length_b   158.760
_cell.length_c   74.460
_cell.angle_alpha   90.00
_cell.angle_beta   90.00
_cell.angle_gamma   120.00
#
_symmetry.space_group_name_H-M   'P 63'
#
loop_
_entity.id
_entity.type
_entity.pdbx_description
1 polymer 'Histone-lysine N-methyltransferase, H3 lysine-79 specific'
2 non-polymer 'POTASSIUM ION'
3 non-polymer N-[1-(2-chlorophenyl)-1H-indol-6-yl]-2-{[5-(2-chlorophenyl)-1H-tetrazol-1-yl]acetyl}hydrazinecarboxamide
4 water water
#
_entity_poly.entity_id   1
_entity_poly.type   'polypeptide(L)'
_entity_poly.pdbx_seq_one_letter_code
;GPGEKLELRLKSPVGAEPAVYPWPLPVYDKHHDAAHEIIETIRWVCEEIPDLKLAMENYVLIDYDTKSFESMQRLCDKYN
RAIDSIHQLWKGTTQPMKLNTRPSTGLLRHILQQVYNHSVTDPEKLNNYEPFSPEVYGETSFDLVAQMIDEIKMTDDDLF
VDLGSGVGQVVLQVAAATNCKHHYGVEKADIPAKYAETMDREFRKWMKWYGKKHAEYTLERGDFLSEEWRERIANTSVIF
VNNFAFGPEVDHQLKERFANMKEGGRIVSSKPFAPLNFRINSRNLSDIGTIMRVVELSPLKGSVSWTGKPVSYYLHTIDR
TILENYFSSLKNPG
;
_entity_poly.pdbx_strand_id   A,B
#
# COMPACT_ATOMS: atom_id res chain seq x y z
N LEU A 6 -9.86 -29.41 -17.60
CA LEU A 6 -8.77 -28.69 -16.93
C LEU A 6 -9.23 -27.55 -16.00
N GLU A 7 -9.08 -27.73 -14.68
CA GLU A 7 -9.48 -26.77 -13.63
C GLU A 7 -8.79 -27.03 -12.29
N LEU A 8 -8.80 -26.01 -11.42
CA LEU A 8 -8.24 -26.08 -10.07
C LEU A 8 -9.35 -25.80 -9.07
N ARG A 9 -9.35 -26.52 -7.95
CA ARG A 9 -10.38 -26.37 -6.92
C ARG A 9 -9.77 -26.12 -5.56
N LEU A 10 -10.37 -25.16 -4.82
CA LEU A 10 -10.01 -24.83 -3.45
C LEU A 10 -11.22 -25.07 -2.56
N LYS A 11 -11.09 -25.99 -1.60
CA LYS A 11 -12.17 -26.29 -0.67
C LYS A 11 -12.28 -25.17 0.35
N SER A 12 -13.51 -24.82 0.67
CA SER A 12 -13.81 -23.78 1.64
C SER A 12 -13.42 -24.21 3.07
N PRO A 13 -12.77 -23.34 3.87
CA PRO A 13 -12.46 -23.70 5.26
C PRO A 13 -13.71 -23.96 6.13
N VAL A 14 -14.90 -23.48 5.70
CA VAL A 14 -16.16 -23.61 6.45
C VAL A 14 -17.21 -24.54 5.78
N GLY A 15 -16.81 -25.28 4.75
CA GLY A 15 -17.71 -26.22 4.07
C GLY A 15 -18.64 -25.64 3.02
N ALA A 16 -18.37 -24.40 2.59
CA ALA A 16 -19.14 -23.77 1.52
C ALA A 16 -18.74 -24.45 0.19
N GLU A 17 -19.37 -24.03 -0.93
CA GLU A 17 -19.06 -24.56 -2.25
C GLU A 17 -17.58 -24.28 -2.60
N PRO A 18 -16.85 -25.24 -3.19
CA PRO A 18 -15.44 -24.95 -3.52
C PRO A 18 -15.24 -23.84 -4.54
N ALA A 19 -14.11 -23.12 -4.46
CA ALA A 19 -13.73 -22.10 -5.45
C ALA A 19 -13.17 -22.88 -6.62
N VAL A 20 -13.72 -22.67 -7.83
CA VAL A 20 -13.32 -23.42 -9.02
C VAL A 20 -12.70 -22.46 -10.05
N TYR A 21 -11.47 -22.75 -10.48
CA TYR A 21 -10.75 -21.92 -11.44
C TYR A 21 -10.47 -22.68 -12.73
N PRO A 22 -10.70 -22.11 -13.92
CA PRO A 22 -10.34 -22.84 -15.14
C PRO A 22 -8.85 -22.78 -15.37
N TRP A 23 -8.30 -23.77 -16.09
CA TRP A 23 -6.92 -23.78 -16.53
C TRP A 23 -6.97 -23.65 -18.07
N PRO A 24 -6.21 -22.75 -18.73
CA PRO A 24 -5.23 -21.79 -18.16
C PRO A 24 -5.91 -20.79 -17.25
N LEU A 25 -5.21 -20.38 -16.17
CA LEU A 25 -5.79 -19.44 -15.20
C LEU A 25 -5.88 -18.05 -15.82
N PRO A 26 -6.95 -17.25 -15.52
CA PRO A 26 -7.01 -15.87 -16.06
C PRO A 26 -5.85 -14.98 -15.62
N VAL A 27 -5.47 -14.03 -16.48
CA VAL A 27 -4.42 -13.05 -16.19
C VAL A 27 -5.18 -11.75 -15.94
N TYR A 28 -5.02 -11.20 -14.74
CA TYR A 28 -5.72 -10.03 -14.28
C TYR A 28 -5.18 -8.72 -14.77
N ASP A 29 -3.88 -8.46 -14.54
CA ASP A 29 -3.20 -7.25 -14.97
C ASP A 29 -1.69 -7.49 -15.17
N LYS A 30 -0.93 -6.37 -15.34
CA LYS A 30 0.52 -6.37 -15.56
C LYS A 30 1.28 -7.12 -14.45
N HIS A 31 0.75 -7.10 -13.21
CA HIS A 31 1.39 -7.68 -12.03
C HIS A 31 0.65 -8.88 -11.42
N HIS A 32 -0.68 -8.82 -11.31
CA HIS A 32 -1.48 -9.89 -10.71
C HIS A 32 -2.07 -10.89 -11.70
N ASP A 33 -2.25 -12.15 -11.24
CA ASP A 33 -2.87 -13.26 -11.95
C ASP A 33 -3.58 -14.18 -10.96
N ALA A 34 -4.51 -15.02 -11.46
CA ALA A 34 -5.27 -15.95 -10.64
C ALA A 34 -4.41 -16.95 -9.84
N ALA A 35 -3.22 -17.31 -10.37
CA ALA A 35 -2.29 -18.22 -9.72
C ALA A 35 -1.81 -17.70 -8.35
N HIS A 36 -1.47 -16.40 -8.28
CA HIS A 36 -1.05 -15.74 -7.05
C HIS A 36 -2.21 -15.52 -6.11
N GLU A 37 -3.42 -15.35 -6.66
CA GLU A 37 -4.63 -15.23 -5.86
C GLU A 37 -4.87 -16.54 -5.11
N ILE A 38 -4.66 -17.71 -5.77
CA ILE A 38 -4.80 -19.04 -5.18
C ILE A 38 -3.83 -19.24 -4.01
N ILE A 39 -2.56 -18.92 -4.22
CA ILE A 39 -1.48 -19.04 -3.24
C ILE A 39 -1.73 -18.14 -2.05
N GLU A 40 -2.10 -16.87 -2.30
CA GLU A 40 -2.39 -15.91 -1.24
C GLU A 40 -3.65 -16.29 -0.49
N THR A 41 -4.66 -16.86 -1.17
CA THR A 41 -5.89 -17.34 -0.52
C THR A 41 -5.53 -18.43 0.53
N ILE A 42 -4.72 -19.45 0.11
CA ILE A 42 -4.27 -20.56 0.98
C ILE A 42 -3.54 -19.97 2.19
N ARG A 43 -2.61 -19.02 1.93
CA ARG A 43 -1.85 -18.33 2.97
C ARG A 43 -2.76 -17.60 3.97
N TRP A 44 -3.84 -16.94 3.49
CA TRP A 44 -4.81 -16.27 4.38
C TRP A 44 -5.62 -17.27 5.22
N VAL A 45 -6.06 -18.39 4.62
CA VAL A 45 -6.78 -19.47 5.33
C VAL A 45 -5.85 -20.14 6.38
N CYS A 46 -4.55 -20.31 6.07
CA CYS A 46 -3.58 -20.87 7.02
C CYS A 46 -3.36 -19.95 8.20
N GLU A 47 -3.41 -18.65 7.98
CA GLU A 47 -3.24 -17.63 9.02
C GLU A 47 -4.44 -17.64 9.97
N GLU A 48 -5.63 -17.80 9.38
CA GLU A 48 -6.94 -17.86 10.03
C GLU A 48 -7.11 -19.14 10.88
N ILE A 49 -6.58 -20.29 10.41
CA ILE A 49 -6.70 -21.58 11.08
C ILE A 49 -5.31 -22.14 11.46
N PRO A 50 -4.86 -21.92 12.71
CA PRO A 50 -3.54 -22.46 13.13
C PRO A 50 -3.37 -23.99 12.93
N ASP A 51 -4.46 -24.79 13.13
CA ASP A 51 -4.40 -26.27 12.93
C ASP A 51 -4.08 -26.59 11.45
N LEU A 52 -4.65 -25.79 10.52
CA LEU A 52 -4.44 -25.93 9.08
C LEU A 52 -2.97 -25.76 8.70
N LYS A 53 -2.30 -24.75 9.31
CA LYS A 53 -0.87 -24.42 9.13
C LYS A 53 -0.01 -25.60 9.61
N LEU A 54 -0.41 -26.26 10.73
CA LEU A 54 0.26 -27.43 11.28
C LEU A 54 0.18 -28.66 10.35
N ALA A 55 -0.98 -28.96 9.75
CA ALA A 55 -1.17 -30.15 8.90
C ALA A 55 -0.41 -30.18 7.57
N MET A 56 -0.22 -29.01 6.93
CA MET A 56 0.43 -28.92 5.61
C MET A 56 1.95 -29.08 5.62
N GLU A 57 2.50 -29.69 4.55
CA GLU A 57 3.94 -29.87 4.37
C GLU A 57 4.57 -28.49 4.11
N ASN A 58 5.78 -28.25 4.64
CA ASN A 58 6.50 -26.97 4.60
C ASN A 58 6.80 -26.42 3.19
N TYR A 59 7.30 -27.29 2.29
CA TYR A 59 7.69 -26.92 0.92
C TYR A 59 6.57 -26.40 0.01
N VAL A 60 5.33 -26.90 0.19
CA VAL A 60 4.14 -26.66 -0.64
C VAL A 60 3.97 -25.19 -1.06
N LEU A 61 4.08 -24.26 -0.10
CA LEU A 61 3.91 -22.84 -0.40
C LEU A 61 5.26 -22.09 -0.68
N ILE A 62 6.37 -22.85 -0.91
CA ILE A 62 7.69 -22.32 -1.26
C ILE A 62 8.05 -22.82 -2.69
N ASP A 63 8.01 -24.15 -2.89
CA ASP A 63 8.30 -24.80 -4.16
C ASP A 63 7.01 -24.97 -4.99
N TYR A 64 6.75 -23.98 -5.86
CA TYR A 64 5.61 -23.96 -6.79
C TYR A 64 6.01 -23.28 -8.11
N ASP A 65 5.36 -23.68 -9.20
CA ASP A 65 5.55 -23.11 -10.53
C ASP A 65 4.14 -22.77 -11.03
N THR A 66 3.85 -21.46 -11.10
CA THR A 66 2.54 -20.93 -11.51
C THR A 66 2.22 -21.21 -12.99
N LYS A 67 3.25 -21.52 -13.78
CA LYS A 67 3.13 -21.82 -15.21
C LYS A 67 3.00 -23.32 -15.46
N SER A 68 2.88 -24.12 -14.38
CA SER A 68 2.72 -25.58 -14.50
C SER A 68 1.41 -26.02 -13.89
N PHE A 69 0.55 -26.66 -14.71
CA PHE A 69 -0.74 -27.17 -14.28
C PHE A 69 -0.56 -28.18 -13.15
N GLU A 70 0.35 -29.15 -13.34
CA GLU A 70 0.68 -30.22 -12.38
C GLU A 70 1.15 -29.66 -11.06
N SER A 71 1.97 -28.59 -11.10
CA SER A 71 2.50 -27.95 -9.90
C SER A 71 1.39 -27.21 -9.16
N MET A 72 0.49 -26.51 -9.90
CA MET A 72 -0.62 -25.78 -9.30
C MET A 72 -1.66 -26.76 -8.73
N GLN A 73 -1.88 -27.88 -9.42
CA GLN A 73 -2.80 -28.94 -9.00
C GLN A 73 -2.36 -29.62 -7.69
N ARG A 74 -1.03 -29.83 -7.54
CA ARG A 74 -0.42 -30.46 -6.38
C ARG A 74 -0.54 -29.54 -5.17
N LEU A 75 -0.33 -28.23 -5.37
CA LEU A 75 -0.48 -27.21 -4.33
C LEU A 75 -1.94 -27.19 -3.81
N CYS A 76 -2.91 -27.18 -4.72
CA CYS A 76 -4.33 -27.21 -4.40
C CYS A 76 -4.72 -28.49 -3.68
N ASP A 77 -4.17 -29.64 -4.12
CA ASP A 77 -4.42 -30.93 -3.50
C ASP A 77 -3.90 -30.99 -2.06
N LYS A 78 -2.72 -30.41 -1.78
CA LYS A 78 -2.12 -30.38 -0.44
C LYS A 78 -2.96 -29.54 0.52
N TYR A 79 -3.47 -28.40 0.03
CA TYR A 79 -4.33 -27.54 0.83
C TYR A 79 -5.66 -28.28 1.09
N ASN A 80 -6.28 -28.85 0.04
CA ASN A 80 -7.55 -29.56 0.14
C ASN A 80 -7.53 -30.74 1.09
N ARG A 81 -6.44 -31.52 1.09
CA ARG A 81 -6.25 -32.67 1.99
C ARG A 81 -6.07 -32.20 3.44
N ALA A 82 -5.40 -31.06 3.62
CA ALA A 82 -5.18 -30.46 4.94
C ALA A 82 -6.52 -29.94 5.52
N ILE A 83 -7.39 -29.38 4.66
CA ILE A 83 -8.73 -28.91 5.01
C ILE A 83 -9.56 -30.10 5.47
N ASP A 84 -9.47 -31.22 4.74
CA ASP A 84 -10.16 -32.47 5.07
C ASP A 84 -9.73 -33.01 6.42
N SER A 85 -8.42 -32.92 6.76
CA SER A 85 -7.89 -33.43 8.03
C SER A 85 -8.40 -32.63 9.21
N ILE A 86 -8.45 -31.30 9.04
CA ILE A 86 -8.94 -30.32 10.02
C ILE A 86 -10.46 -30.50 10.23
N HIS A 87 -11.20 -30.78 9.13
CA HIS A 87 -12.62 -31.07 9.21
C HIS A 87 -12.88 -32.37 9.94
N GLN A 88 -11.96 -33.37 9.83
CA GLN A 88 -12.05 -34.63 10.58
C GLN A 88 -11.77 -34.38 12.06
N LEU A 89 -10.75 -33.57 12.34
CA LEU A 89 -10.32 -33.19 13.69
C LEU A 89 -11.44 -32.45 14.43
N TRP A 90 -12.16 -31.58 13.72
CA TRP A 90 -13.26 -30.82 14.32
C TRP A 90 -14.51 -31.65 14.55
N LYS A 91 -14.71 -32.74 13.76
CA LYS A 91 -15.82 -33.71 13.90
C LYS A 91 -15.73 -34.31 15.30
N GLY A 92 -14.52 -34.69 15.73
CA GLY A 92 -14.23 -35.26 17.04
C GLY A 92 -14.24 -34.29 18.21
N THR A 93 -14.71 -33.04 18.01
CA THR A 93 -14.81 -31.93 18.97
C THR A 93 -13.43 -31.50 19.48
N ASN A 100 -18.55 -17.26 12.31
CA ASN A 100 -19.05 -16.20 11.43
C ASN A 100 -18.67 -14.84 12.03
N THR A 101 -17.36 -14.55 11.95
CA THR A 101 -16.77 -13.33 12.50
C THR A 101 -16.45 -12.31 11.39
N ARG A 102 -16.11 -11.07 11.77
CA ARG A 102 -15.74 -10.05 10.80
C ARG A 102 -14.32 -10.29 10.30
N PRO A 103 -14.05 -10.05 9.00
CA PRO A 103 -12.70 -10.31 8.50
C PRO A 103 -11.66 -9.36 9.10
N SER A 104 -10.41 -9.85 9.25
CA SER A 104 -9.30 -8.99 9.66
C SER A 104 -9.11 -7.97 8.51
N THR A 105 -8.43 -6.85 8.78
CA THR A 105 -8.18 -5.81 7.75
C THR A 105 -7.39 -6.38 6.54
N GLY A 106 -6.35 -7.16 6.81
CA GLY A 106 -5.52 -7.82 5.80
C GLY A 106 -6.32 -8.79 4.94
N LEU A 107 -7.19 -9.60 5.55
CA LEU A 107 -8.00 -10.51 4.77
C LEU A 107 -9.03 -9.75 3.91
N LEU A 108 -9.70 -8.75 4.47
CA LEU A 108 -10.66 -7.95 3.73
C LEU A 108 -10.04 -7.28 2.46
N ARG A 109 -8.83 -6.74 2.57
CA ARG A 109 -8.10 -6.15 1.45
C ARG A 109 -7.94 -7.19 0.35
N HIS A 110 -7.54 -8.43 0.76
CA HIS A 110 -7.41 -9.59 -0.14
C HIS A 110 -8.79 -9.96 -0.79
N ILE A 111 -9.85 -10.08 0.03
CA ILE A 111 -11.20 -10.38 -0.43
C ILE A 111 -11.70 -9.37 -1.47
N LEU A 112 -11.52 -8.07 -1.21
CA LEU A 112 -11.95 -7.01 -2.14
C LEU A 112 -11.23 -7.10 -3.50
N GLN A 113 -9.92 -7.35 -3.45
CA GLN A 113 -9.07 -7.55 -4.63
C GLN A 113 -9.58 -8.76 -5.45
N GLN A 114 -9.86 -9.85 -4.73
CA GLN A 114 -10.36 -11.12 -5.30
C GLN A 114 -11.73 -10.88 -5.99
N VAL A 115 -12.63 -10.20 -5.28
CA VAL A 115 -13.94 -9.80 -5.77
C VAL A 115 -13.82 -8.92 -7.02
N TYR A 116 -12.95 -7.91 -6.97
CA TYR A 116 -12.71 -7.06 -8.13
C TYR A 116 -12.20 -7.86 -9.35
N ASN A 117 -11.17 -8.70 -9.18
CA ASN A 117 -10.56 -9.45 -10.27
C ASN A 117 -11.49 -10.46 -10.92
N HIS A 118 -12.44 -11.01 -10.13
CA HIS A 118 -13.44 -11.96 -10.62
C HIS A 118 -14.61 -11.25 -11.32
N SER A 119 -14.78 -9.95 -11.07
CA SER A 119 -15.88 -9.13 -11.59
C SER A 119 -15.52 -8.28 -12.79
N VAL A 120 -14.40 -7.58 -12.70
CA VAL A 120 -13.96 -6.67 -13.75
C VAL A 120 -12.90 -7.35 -14.60
N THR A 121 -13.39 -8.09 -15.59
CA THR A 121 -12.60 -8.89 -16.53
C THR A 121 -12.03 -8.04 -17.67
N ASP A 122 -12.74 -6.96 -18.07
CA ASP A 122 -12.30 -6.01 -19.09
C ASP A 122 -11.87 -4.73 -18.34
N PRO A 123 -10.56 -4.56 -18.05
CA PRO A 123 -10.12 -3.38 -17.29
C PRO A 123 -10.20 -2.07 -18.07
N GLU A 124 -10.09 -2.14 -19.43
CA GLU A 124 -10.16 -0.99 -20.33
C GLU A 124 -11.54 -0.31 -20.30
N LYS A 125 -12.62 -1.10 -20.09
CA LYS A 125 -14.01 -0.65 -20.02
C LYS A 125 -14.22 0.51 -19.02
N LEU A 126 -13.63 0.41 -17.81
CA LEU A 126 -13.70 1.45 -16.78
C LEU A 126 -12.74 2.59 -17.13
N ASN A 127 -13.29 3.73 -17.62
CA ASN A 127 -12.52 4.93 -18.03
C ASN A 127 -11.88 5.60 -16.81
N ASN A 128 -10.73 5.04 -16.37
CA ASN A 128 -10.02 5.49 -15.18
C ASN A 128 -8.50 5.64 -15.38
N TYR A 129 -8.08 6.90 -15.64
CA TYR A 129 -6.69 7.33 -15.80
C TYR A 129 -6.33 8.33 -14.66
N GLU A 130 -7.14 8.28 -13.57
CA GLU A 130 -7.05 9.09 -12.36
C GLU A 130 -6.03 8.50 -11.34
N PRO A 131 -5.55 9.27 -10.31
CA PRO A 131 -4.59 8.70 -9.33
C PRO A 131 -5.18 7.54 -8.50
N PHE A 132 -6.52 7.56 -8.37
CA PHE A 132 -7.31 6.52 -7.69
C PHE A 132 -8.29 5.95 -8.72
N SER A 133 -8.30 4.63 -8.82
CA SER A 133 -9.16 3.89 -9.75
C SER A 133 -9.47 2.52 -9.14
N PRO A 134 -10.61 1.88 -9.50
CA PRO A 134 -10.95 0.59 -8.89
C PRO A 134 -9.85 -0.48 -8.87
N GLU A 135 -9.04 -0.58 -9.95
CA GLU A 135 -7.97 -1.58 -10.05
C GLU A 135 -6.83 -1.40 -9.01
N VAL A 136 -6.67 -0.19 -8.45
CA VAL A 136 -5.63 0.03 -7.45
C VAL A 136 -6.21 0.36 -6.07
N TYR A 137 -7.49 0.05 -5.87
CA TYR A 137 -8.22 0.27 -4.61
C TYR A 137 -7.44 -0.22 -3.37
N GLY A 138 -7.01 -1.48 -3.39
CA GLY A 138 -6.28 -2.10 -2.29
C GLY A 138 -4.96 -1.43 -1.96
N GLU A 139 -4.31 -0.87 -2.98
CA GLU A 139 -2.99 -0.24 -2.88
C GLU A 139 -3.03 1.18 -2.40
N THR A 140 -4.04 1.94 -2.83
CA THR A 140 -4.15 3.37 -2.56
C THR A 140 -5.25 3.77 -1.55
N SER A 141 -6.50 3.37 -1.84
CA SER A 141 -7.75 3.75 -1.16
C SER A 141 -8.14 2.95 0.07
N PHE A 142 -7.83 1.66 0.12
CA PHE A 142 -8.24 0.77 1.20
C PHE A 142 -7.86 1.29 2.59
N ASP A 143 -6.59 1.65 2.78
CA ASP A 143 -6.07 2.13 4.07
C ASP A 143 -6.70 3.43 4.51
N LEU A 144 -7.03 4.31 3.56
CA LEU A 144 -7.71 5.56 3.87
C LEU A 144 -9.14 5.30 4.32
N VAL A 145 -9.90 4.45 3.59
CA VAL A 145 -11.25 4.06 3.97
C VAL A 145 -11.21 3.39 5.36
N ALA A 146 -10.17 2.56 5.64
CA ALA A 146 -10.03 1.91 6.95
C ALA A 146 -9.86 2.95 8.07
N GLN A 147 -9.15 4.05 7.75
CA GLN A 147 -8.92 5.18 8.66
C GLN A 147 -10.21 5.97 8.89
N MET A 148 -11.02 6.17 7.82
CA MET A 148 -12.30 6.87 7.87
C MET A 148 -13.31 6.07 8.71
N ILE A 149 -13.35 4.72 8.55
CA ILE A 149 -14.22 3.82 9.32
C ILE A 149 -13.88 3.95 10.82
N ASP A 150 -12.58 3.96 11.18
CA ASP A 150 -12.11 4.08 12.57
C ASP A 150 -12.45 5.43 13.21
N GLU A 151 -12.47 6.50 12.40
CA GLU A 151 -12.74 7.85 12.85
C GLU A 151 -14.22 8.13 13.12
N ILE A 152 -15.12 7.69 12.25
CA ILE A 152 -16.51 8.08 12.46
C ILE A 152 -17.29 7.14 13.44
N LYS A 153 -16.88 5.89 13.63
CA LYS A 153 -17.45 5.00 14.66
C LYS A 153 -18.99 4.88 14.61
N MET A 154 -19.46 4.21 13.57
CA MET A 154 -20.86 3.96 13.28
C MET A 154 -21.46 2.89 14.17
N THR A 155 -22.74 3.03 14.50
CA THR A 155 -23.48 2.08 15.31
C THR A 155 -24.65 1.48 14.52
N ASP A 156 -25.41 0.58 15.17
CA ASP A 156 -26.59 -0.09 14.61
C ASP A 156 -27.75 0.87 14.34
N ASP A 157 -27.69 2.09 14.90
CA ASP A 157 -28.68 3.14 14.70
C ASP A 157 -28.44 3.89 13.38
N ASP A 158 -27.24 3.77 12.81
CA ASP A 158 -26.84 4.47 11.60
C ASP A 158 -27.25 3.82 10.31
N LEU A 159 -27.49 4.69 9.30
CA LEU A 159 -27.74 4.33 7.91
C LEU A 159 -26.61 5.01 7.14
N PHE A 160 -25.91 4.24 6.29
CA PHE A 160 -24.77 4.70 5.51
C PHE A 160 -25.08 4.70 4.02
N VAL A 161 -24.65 5.76 3.32
CA VAL A 161 -24.82 5.91 1.87
C VAL A 161 -23.52 6.46 1.28
N ASP A 162 -23.02 5.81 0.23
CA ASP A 162 -21.90 6.30 -0.57
C ASP A 162 -22.52 6.83 -1.87
N LEU A 163 -22.52 8.18 -2.05
CA LEU A 163 -23.11 8.86 -3.22
C LEU A 163 -22.14 8.87 -4.39
N GLY A 164 -22.41 8.02 -5.39
CA GLY A 164 -21.52 7.83 -6.52
C GLY A 164 -20.52 6.75 -6.13
N SER A 165 -21.06 5.56 -5.84
CA SER A 165 -20.35 4.39 -5.34
C SER A 165 -19.54 3.60 -6.37
N GLY A 166 -19.65 3.94 -7.65
CA GLY A 166 -18.92 3.27 -8.72
C GLY A 166 -19.17 1.77 -8.75
N VAL A 167 -18.06 0.97 -8.70
CA VAL A 167 -18.12 -0.52 -8.68
C VAL A 167 -18.49 -1.03 -7.26
N GLY A 168 -18.49 -0.12 -6.26
CA GLY A 168 -18.99 -0.40 -4.92
C GLY A 168 -18.05 -0.83 -3.81
N GLN A 169 -16.71 -0.75 -4.01
CA GLN A 169 -15.70 -1.19 -3.02
C GLN A 169 -15.71 -0.46 -1.68
N VAL A 170 -16.08 0.84 -1.64
CA VAL A 170 -16.16 1.59 -0.39
C VAL A 170 -17.34 1.03 0.44
N VAL A 171 -18.48 0.78 -0.20
CA VAL A 171 -19.67 0.19 0.45
C VAL A 171 -19.36 -1.21 1.01
N LEU A 172 -18.70 -2.07 0.20
CA LEU A 172 -18.34 -3.45 0.60
C LEU A 172 -17.41 -3.43 1.81
N GLN A 173 -16.42 -2.50 1.80
CA GLN A 173 -15.46 -2.33 2.88
C GLN A 173 -16.15 -1.86 4.17
N VAL A 174 -16.99 -0.82 4.09
CA VAL A 174 -17.72 -0.30 5.25
C VAL A 174 -18.67 -1.39 5.79
N ALA A 175 -19.42 -2.09 4.89
CA ALA A 175 -20.33 -3.17 5.30
C ALA A 175 -19.60 -4.32 6.00
N ALA A 176 -18.37 -4.66 5.54
CA ALA A 176 -17.62 -5.72 6.19
C ALA A 176 -17.07 -5.29 7.55
N ALA A 177 -16.96 -3.95 7.80
CA ALA A 177 -16.36 -3.41 9.01
C ALA A 177 -17.31 -2.91 10.09
N THR A 178 -18.52 -2.42 9.74
CA THR A 178 -19.43 -1.83 10.73
C THR A 178 -20.74 -2.59 10.92
N ASN A 179 -21.51 -2.19 11.96
CA ASN A 179 -22.83 -2.76 12.25
C ASN A 179 -23.98 -1.76 11.95
N CYS A 180 -23.86 -0.94 10.86
CA CYS A 180 -24.94 -0.02 10.44
C CYS A 180 -26.12 -0.88 10.10
N LYS A 181 -27.33 -0.34 10.32
CA LYS A 181 -28.61 -0.97 9.97
C LYS A 181 -28.55 -1.42 8.51
N HIS A 182 -28.05 -0.54 7.62
CA HIS A 182 -27.92 -0.81 6.18
C HIS A 182 -26.89 0.14 5.56
N HIS A 183 -26.22 -0.33 4.50
CA HIS A 183 -25.22 0.41 3.73
C HIS A 183 -25.69 0.46 2.31
N TYR A 184 -25.72 1.66 1.72
CA TYR A 184 -26.17 1.82 0.35
C TYR A 184 -25.08 2.43 -0.48
N GLY A 185 -25.03 1.99 -1.71
CA GLY A 185 -24.18 2.55 -2.74
C GLY A 185 -25.11 2.92 -3.89
N VAL A 186 -25.07 4.21 -4.32
CA VAL A 186 -25.88 4.65 -5.47
C VAL A 186 -24.95 5.12 -6.58
N GLU A 187 -25.13 4.55 -7.79
CA GLU A 187 -24.32 4.89 -8.96
C GLU A 187 -25.21 5.14 -10.20
N LYS A 188 -24.97 6.28 -10.87
CA LYS A 188 -25.70 6.75 -12.05
C LYS A 188 -25.15 6.13 -13.34
N ALA A 189 -23.81 6.10 -13.50
CA ALA A 189 -23.16 5.60 -14.71
C ALA A 189 -23.38 4.11 -14.96
N ASP A 190 -23.74 3.77 -16.21
CA ASP A 190 -24.08 2.43 -16.67
C ASP A 190 -22.99 1.37 -16.48
N ILE A 191 -21.74 1.64 -16.94
CA ILE A 191 -20.61 0.72 -16.87
C ILE A 191 -20.30 0.35 -15.40
N PRO A 192 -20.00 1.30 -14.46
CA PRO A 192 -19.75 0.87 -13.07
C PRO A 192 -20.96 0.23 -12.38
N ALA A 193 -22.19 0.74 -12.62
CA ALA A 193 -23.42 0.18 -12.02
C ALA A 193 -23.64 -1.29 -12.41
N LYS A 194 -23.33 -1.65 -13.68
CA LYS A 194 -23.43 -3.02 -14.18
C LYS A 194 -22.37 -3.88 -13.51
N TYR A 195 -21.10 -3.40 -13.43
CA TYR A 195 -20.02 -4.12 -12.74
C TYR A 195 -20.33 -4.35 -11.25
N ALA A 196 -20.96 -3.38 -10.58
CA ALA A 196 -21.37 -3.44 -9.16
C ALA A 196 -22.33 -4.63 -8.90
N GLU A 197 -23.13 -5.03 -9.89
CA GLU A 197 -24.04 -6.19 -9.77
C GLU A 197 -23.23 -7.48 -9.60
N THR A 198 -22.13 -7.63 -10.36
CA THR A 198 -21.24 -8.78 -10.27
C THR A 198 -20.43 -8.72 -8.97
N MET A 199 -19.91 -7.53 -8.61
CA MET A 199 -19.13 -7.24 -7.38
C MET A 199 -19.94 -7.68 -6.14
N ASP A 200 -21.23 -7.33 -6.10
CA ASP A 200 -22.20 -7.70 -5.07
C ASP A 200 -22.29 -9.24 -4.90
N ARG A 201 -22.52 -9.97 -6.04
CA ARG A 201 -22.61 -11.43 -6.07
C ARG A 201 -21.30 -12.08 -5.65
N GLU A 202 -20.16 -11.61 -6.21
CA GLU A 202 -18.84 -12.13 -5.88
C GLU A 202 -18.46 -11.89 -4.40
N PHE A 203 -18.87 -10.73 -3.84
CA PHE A 203 -18.60 -10.37 -2.45
C PHE A 203 -19.31 -11.33 -1.50
N ARG A 204 -20.62 -11.50 -1.70
CA ARG A 204 -21.44 -12.38 -0.87
C ARG A 204 -20.93 -13.82 -0.93
N LYS A 205 -20.53 -14.27 -2.13
CA LYS A 205 -20.00 -15.61 -2.36
C LYS A 205 -18.67 -15.84 -1.62
N TRP A 206 -17.68 -14.97 -1.85
CA TRP A 206 -16.37 -15.09 -1.22
C TRP A 206 -16.42 -14.96 0.30
N MET A 207 -17.25 -14.02 0.82
CA MET A 207 -17.42 -13.87 2.26
C MET A 207 -17.93 -15.14 2.89
N LYS A 208 -18.87 -15.84 2.20
CA LYS A 208 -19.42 -17.13 2.61
C LYS A 208 -18.31 -18.18 2.59
N TRP A 209 -17.48 -18.19 1.54
CA TRP A 209 -16.36 -19.12 1.36
C TRP A 209 -15.35 -19.06 2.53
N TYR A 210 -14.99 -17.86 2.99
CA TYR A 210 -14.09 -17.67 4.11
C TYR A 210 -14.79 -17.83 5.46
N GLY A 211 -16.12 -17.77 5.45
CA GLY A 211 -16.95 -17.87 6.66
C GLY A 211 -16.96 -16.57 7.42
N LYS A 212 -16.97 -15.45 6.67
CA LYS A 212 -16.91 -14.09 7.21
C LYS A 212 -18.23 -13.36 7.14
N LYS A 213 -18.49 -12.59 8.20
CA LYS A 213 -19.69 -11.77 8.42
C LYS A 213 -19.52 -10.35 7.84
N HIS A 214 -20.62 -9.81 7.30
CA HIS A 214 -20.75 -8.43 6.82
C HIS A 214 -22.16 -7.96 7.16
N ALA A 215 -22.33 -6.66 7.32
CA ALA A 215 -23.61 -6.01 7.55
C ALA A 215 -24.45 -6.06 6.25
N GLU A 216 -25.70 -5.67 6.33
CA GLU A 216 -26.56 -5.62 5.15
C GLU A 216 -26.19 -4.43 4.30
N TYR A 217 -26.19 -4.63 2.99
CA TYR A 217 -25.89 -3.59 2.04
C TYR A 217 -26.64 -3.79 0.72
N THR A 218 -26.81 -2.69 -0.03
CA THR A 218 -27.43 -2.67 -1.34
C THR A 218 -26.61 -1.77 -2.23
N LEU A 219 -26.27 -2.29 -3.42
CA LEU A 219 -25.60 -1.55 -4.49
C LEU A 219 -26.69 -1.30 -5.52
N GLU A 220 -27.07 -0.03 -5.74
CA GLU A 220 -28.16 0.25 -6.68
C GLU A 220 -27.82 1.29 -7.74
N ARG A 221 -28.51 1.20 -8.88
CA ARG A 221 -28.38 2.15 -9.99
C ARG A 221 -29.37 3.27 -9.71
N GLY A 222 -28.94 4.51 -9.89
CA GLY A 222 -29.80 5.67 -9.69
C GLY A 222 -29.06 6.98 -9.70
N ASP A 223 -29.82 8.10 -9.78
CA ASP A 223 -29.29 9.45 -9.74
C ASP A 223 -29.55 9.96 -8.32
N PHE A 224 -28.49 10.27 -7.55
CA PHE A 224 -28.67 10.73 -6.18
C PHE A 224 -29.27 12.16 -6.10
N LEU A 225 -29.45 12.83 -7.26
CA LEU A 225 -30.06 14.15 -7.32
C LEU A 225 -31.56 14.08 -7.68
N SER A 226 -32.11 12.87 -7.87
CA SER A 226 -33.53 12.65 -8.20
C SER A 226 -34.44 12.96 -7.00
N GLU A 227 -35.75 13.14 -7.24
CA GLU A 227 -36.74 13.41 -6.20
C GLU A 227 -36.85 12.29 -5.15
N GLU A 228 -36.75 11.03 -5.59
CA GLU A 228 -36.74 9.83 -4.75
C GLU A 228 -35.60 9.94 -3.72
N TRP A 229 -34.40 10.34 -4.18
CA TRP A 229 -33.20 10.43 -3.36
C TRP A 229 -33.15 11.63 -2.39
N ARG A 230 -34.05 12.62 -2.54
CA ARG A 230 -34.15 13.79 -1.64
C ARG A 230 -34.44 13.37 -0.20
N GLU A 231 -35.48 12.53 -0.02
CA GLU A 231 -35.89 12.04 1.27
C GLU A 231 -34.92 11.02 1.81
N ARG A 232 -34.35 10.20 0.91
CA ARG A 232 -33.34 9.20 1.26
C ARG A 232 -32.10 9.84 1.88
N ILE A 233 -31.61 10.96 1.31
CA ILE A 233 -30.47 11.74 1.83
C ILE A 233 -30.85 12.37 3.19
N ALA A 234 -32.07 12.92 3.27
CA ALA A 234 -32.57 13.55 4.49
C ALA A 234 -32.58 12.57 5.68
N ASN A 235 -32.84 11.27 5.44
CA ASN A 235 -32.93 10.24 6.48
C ASN A 235 -31.65 9.44 6.71
N THR A 236 -30.58 9.77 5.96
CA THR A 236 -29.26 9.14 6.10
C THR A 236 -28.49 9.81 7.24
N SER A 237 -27.85 9.02 8.12
CA SER A 237 -27.09 9.58 9.22
C SER A 237 -25.59 9.76 8.88
N VAL A 238 -25.06 8.90 8.00
CA VAL A 238 -23.67 8.98 7.55
C VAL A 238 -23.60 8.94 6.01
N ILE A 239 -23.20 10.03 5.37
CA ILE A 239 -23.01 10.11 3.92
C ILE A 239 -21.52 10.19 3.64
N PHE A 240 -21.04 9.39 2.67
CA PHE A 240 -19.70 9.41 2.13
C PHE A 240 -19.88 9.91 0.71
N VAL A 241 -19.11 10.92 0.30
CA VAL A 241 -19.24 11.43 -1.06
C VAL A 241 -17.90 11.95 -1.59
N ASN A 242 -17.40 11.33 -2.67
CA ASN A 242 -16.19 11.77 -3.33
C ASN A 242 -16.63 12.82 -4.34
N ASN A 243 -16.66 14.07 -3.89
CA ASN A 243 -17.14 15.24 -4.62
C ASN A 243 -16.04 16.03 -5.33
N PHE A 244 -14.79 15.57 -5.28
CA PHE A 244 -13.66 16.26 -5.89
C PHE A 244 -13.92 16.71 -7.34
N ALA A 245 -14.42 15.79 -8.22
CA ALA A 245 -14.68 16.11 -9.64
C ALA A 245 -16.07 16.73 -9.96
N PHE A 246 -16.90 16.99 -8.94
CA PHE A 246 -18.25 17.57 -9.14
C PHE A 246 -18.23 19.02 -9.64
N GLY A 247 -19.12 19.30 -10.61
CA GLY A 247 -19.32 20.65 -11.13
C GLY A 247 -20.04 21.56 -10.13
N PRO A 248 -20.12 22.89 -10.38
CA PRO A 248 -20.80 23.77 -9.40
C PRO A 248 -22.28 23.50 -9.22
N GLU A 249 -22.94 22.99 -10.26
CA GLU A 249 -24.37 22.71 -10.25
C GLU A 249 -24.71 21.51 -9.38
N VAL A 250 -23.92 20.43 -9.52
CA VAL A 250 -24.08 19.20 -8.76
C VAL A 250 -23.82 19.53 -7.29
N ASP A 251 -22.75 20.31 -7.03
CA ASP A 251 -22.36 20.76 -5.71
C ASP A 251 -23.48 21.60 -5.07
N HIS A 252 -24.08 22.53 -5.83
CA HIS A 252 -25.20 23.37 -5.41
C HIS A 252 -26.43 22.51 -5.05
N GLN A 253 -26.79 21.56 -5.93
CA GLN A 253 -27.90 20.62 -5.71
C GLN A 253 -27.68 19.73 -4.46
N LEU A 254 -26.43 19.29 -4.23
CA LEU A 254 -26.08 18.46 -3.10
C LEU A 254 -26.21 19.20 -1.79
N LYS A 255 -25.70 20.44 -1.71
CA LYS A 255 -25.83 21.29 -0.51
C LYS A 255 -27.31 21.46 -0.12
N GLU A 256 -28.20 21.56 -1.13
CA GLU A 256 -29.65 21.67 -0.96
C GLU A 256 -30.23 20.37 -0.35
N ARG A 257 -29.74 19.19 -0.78
CA ARG A 257 -30.12 17.87 -0.24
C ARG A 257 -29.65 17.76 1.21
N PHE A 258 -28.41 18.20 1.49
CA PHE A 258 -27.83 18.18 2.83
C PHE A 258 -28.58 19.07 3.80
N ALA A 259 -29.20 20.16 3.30
CA ALA A 259 -29.94 21.15 4.12
C ALA A 259 -31.17 20.53 4.78
N ASN A 260 -31.64 19.37 4.28
CA ASN A 260 -32.77 18.63 4.86
C ASN A 260 -32.31 17.56 5.86
N MET A 261 -31.00 17.38 6.06
CA MET A 261 -30.54 16.33 7.00
C MET A 261 -30.83 16.67 8.47
N LYS A 262 -30.83 15.63 9.31
CA LYS A 262 -31.10 15.73 10.75
C LYS A 262 -29.86 16.19 11.48
N GLU A 263 -30.02 16.81 12.67
CA GLU A 263 -28.94 17.25 13.55
C GLU A 263 -28.03 16.07 13.83
N GLY A 264 -26.73 16.32 13.78
CA GLY A 264 -25.75 15.27 14.02
C GLY A 264 -25.50 14.36 12.85
N GLY A 265 -26.19 14.59 11.74
CA GLY A 265 -25.98 13.86 10.49
C GLY A 265 -24.59 14.23 10.01
N ARG A 266 -23.86 13.25 9.46
CA ARG A 266 -22.48 13.45 9.07
C ARG A 266 -22.23 13.22 7.61
N ILE A 267 -21.34 14.02 7.04
CA ILE A 267 -20.94 13.94 5.63
C ILE A 267 -19.43 13.89 5.57
N VAL A 268 -18.89 12.80 5.03
CA VAL A 268 -17.46 12.73 4.85
C VAL A 268 -17.19 12.76 3.35
N SER A 269 -16.40 13.75 2.93
CA SER A 269 -16.10 14.02 1.53
C SER A 269 -14.61 14.24 1.23
N SER A 270 -14.27 14.34 -0.07
CA SER A 270 -12.88 14.54 -0.50
C SER A 270 -12.53 16.03 -0.65
N LYS A 271 -13.54 16.87 -0.79
CA LYS A 271 -13.38 18.31 -0.89
C LYS A 271 -14.43 18.93 0.07
N PRO A 272 -14.09 19.93 0.94
CA PRO A 272 -15.11 20.49 1.85
C PRO A 272 -16.28 21.18 1.14
N PHE A 273 -17.49 21.06 1.70
CA PHE A 273 -18.70 21.71 1.16
C PHE A 273 -18.87 23.13 1.68
N ALA A 274 -18.14 23.47 2.72
CA ALA A 274 -18.16 24.78 3.35
C ALA A 274 -16.72 25.11 3.78
N PRO A 275 -16.34 26.40 3.88
CA PRO A 275 -14.97 26.75 4.34
C PRO A 275 -14.75 26.26 5.77
N LEU A 276 -13.52 25.82 6.04
CA LEU A 276 -13.10 25.31 7.36
C LEU A 276 -13.14 26.39 8.45
N ASN A 277 -13.03 27.66 8.04
CA ASN A 277 -12.98 28.85 8.87
C ASN A 277 -14.23 29.72 8.69
N PHE A 278 -15.37 29.11 8.28
CA PHE A 278 -16.63 29.84 8.06
C PHE A 278 -17.03 30.67 9.27
N ARG A 279 -17.29 31.95 9.03
CA ARG A 279 -17.71 32.87 10.08
C ARG A 279 -19.04 33.47 9.63
N ILE A 280 -20.10 33.10 10.37
CA ILE A 280 -21.48 33.55 10.11
C ILE A 280 -21.59 35.06 10.26
N ASN A 281 -22.27 35.68 9.32
CA ASN A 281 -22.54 37.12 9.31
C ASN A 281 -23.83 37.43 8.53
N SER A 282 -24.23 38.69 8.50
CA SER A 282 -25.43 39.14 7.82
C SER A 282 -25.43 38.91 6.29
N ARG A 283 -24.26 38.73 5.67
CA ARG A 283 -24.14 38.57 4.21
C ARG A 283 -24.01 37.13 3.70
N ASN A 284 -23.86 36.15 4.60
CA ASN A 284 -23.71 34.74 4.19
C ASN A 284 -24.73 33.78 4.85
N LEU A 285 -25.89 34.27 5.30
CA LEU A 285 -26.90 33.44 5.99
C LEU A 285 -27.53 32.31 5.15
N SER A 286 -27.26 32.30 3.85
CA SER A 286 -27.72 31.38 2.83
C SER A 286 -26.82 30.16 2.71
N ASP A 287 -25.52 30.35 3.02
CA ASP A 287 -24.47 29.36 2.95
C ASP A 287 -24.71 28.14 3.81
N ILE A 288 -24.28 26.96 3.30
CA ILE A 288 -24.42 25.69 4.02
C ILE A 288 -23.58 25.71 5.34
N GLY A 289 -22.56 26.57 5.41
CA GLY A 289 -21.74 26.77 6.59
C GLY A 289 -22.49 27.26 7.81
N THR A 290 -23.68 27.81 7.62
CA THR A 290 -24.54 28.29 8.70
C THR A 290 -25.16 27.13 9.52
N ILE A 291 -25.17 25.92 8.96
CA ILE A 291 -25.83 24.76 9.57
C ILE A 291 -24.91 23.54 9.68
N MET A 292 -23.63 23.69 9.38
CA MET A 292 -22.73 22.54 9.54
C MET A 292 -21.34 22.89 10.01
N ARG A 293 -20.80 22.11 10.98
CA ARG A 293 -19.39 22.15 11.38
C ARG A 293 -18.61 21.44 10.28
N VAL A 294 -17.36 21.84 10.04
CA VAL A 294 -16.50 21.21 9.04
C VAL A 294 -15.12 21.03 9.66
N VAL A 295 -14.53 19.84 9.53
CA VAL A 295 -13.19 19.57 10.03
C VAL A 295 -12.37 18.82 8.96
N GLU A 296 -11.09 19.16 8.86
CA GLU A 296 -10.15 18.51 7.97
C GLU A 296 -9.50 17.45 8.79
N LEU A 297 -9.61 16.20 8.32
CA LEU A 297 -9.03 15.02 8.95
C LEU A 297 -7.99 14.44 8.05
N SER A 298 -6.91 13.96 8.64
CA SER A 298 -5.81 13.38 7.87
C SER A 298 -5.20 12.18 8.56
N PRO A 299 -4.92 11.08 7.81
CA PRO A 299 -4.22 9.93 8.40
C PRO A 299 -2.81 10.25 8.96
N LEU A 300 -2.18 11.34 8.48
CA LEU A 300 -0.89 11.87 8.91
C LEU A 300 -0.86 12.41 10.36
N LYS A 301 -2.00 12.93 10.86
CA LYS A 301 -2.11 13.51 12.21
C LYS A 301 -2.23 12.44 13.30
N SER A 305 1.05 5.30 12.43
CA SER A 305 2.24 5.19 11.60
C SER A 305 1.84 5.12 10.10
N TRP A 306 1.45 6.29 9.53
CA TRP A 306 0.99 6.40 8.14
C TRP A 306 2.16 6.45 7.16
N THR A 307 2.10 5.69 6.04
CA THR A 307 3.15 5.60 5.01
C THR A 307 2.56 5.59 3.59
N GLY A 308 1.31 6.03 3.47
CA GLY A 308 0.62 6.18 2.19
C GLY A 308 0.67 7.65 1.73
N LYS A 309 -0.06 7.98 0.64
CA LYS A 309 -0.16 9.34 0.05
C LYS A 309 -0.60 10.37 1.12
N PRO A 310 -0.05 11.62 1.14
CA PRO A 310 -0.47 12.61 2.18
C PRO A 310 -1.89 13.18 1.95
N VAL A 311 -2.90 12.33 2.02
CA VAL A 311 -4.32 12.64 1.81
C VAL A 311 -5.00 13.27 3.02
N SER A 312 -6.16 13.88 2.75
CA SER A 312 -7.03 14.50 3.71
C SER A 312 -8.47 14.19 3.32
N TYR A 313 -9.34 14.14 4.29
CA TYR A 313 -10.78 13.98 4.07
C TYR A 313 -11.45 14.99 5.00
N TYR A 314 -12.75 15.28 4.74
CA TYR A 314 -13.50 16.32 5.43
C TYR A 314 -14.75 15.81 6.06
N LEU A 315 -14.88 16.04 7.37
CA LEU A 315 -16.03 15.63 8.14
C LEU A 315 -16.92 16.84 8.43
N HIS A 316 -18.14 16.85 7.85
CA HIS A 316 -19.19 17.85 8.05
C HIS A 316 -20.24 17.28 9.00
N THR A 317 -20.66 18.03 10.00
CA THR A 317 -21.68 17.59 10.94
C THR A 317 -22.80 18.61 10.98
N ILE A 318 -24.06 18.16 10.73
CA ILE A 318 -25.24 19.01 10.79
C ILE A 318 -25.41 19.56 12.22
N ASP A 319 -25.39 20.87 12.32
CA ASP A 319 -25.53 21.59 13.57
C ASP A 319 -26.19 22.96 13.34
N ARG A 320 -27.50 23.04 13.52
CA ARG A 320 -28.26 24.27 13.34
C ARG A 320 -28.12 25.25 14.49
N THR A 321 -27.36 24.89 15.57
CA THR A 321 -27.07 25.80 16.68
C THR A 321 -26.14 26.94 16.20
N ILE A 322 -25.41 26.72 15.10
CA ILE A 322 -24.57 27.75 14.50
C ILE A 322 -25.47 28.93 14.09
N LEU A 323 -26.56 28.64 13.38
CA LEU A 323 -27.53 29.62 12.89
C LEU A 323 -28.34 30.18 14.06
N GLU A 324 -28.76 29.31 14.98
CA GLU A 324 -29.51 29.67 16.19
C GLU A 324 -28.74 30.66 17.10
N ASN A 325 -27.40 30.47 17.27
CA ASN A 325 -26.55 31.30 18.13
C ASN A 325 -26.38 32.68 17.54
N TYR A 326 -26.30 32.75 16.20
CA TYR A 326 -26.20 34.02 15.48
C TYR A 326 -27.46 34.86 15.72
N PHE A 327 -28.67 34.25 15.66
CA PHE A 327 -29.95 34.96 15.91
C PHE A 327 -30.09 35.37 17.37
N SER A 328 -29.67 34.50 18.30
CA SER A 328 -29.64 34.72 19.75
C SER A 328 -28.74 35.88 20.06
N SER A 329 -27.57 35.96 19.41
CA SER A 329 -26.59 37.03 19.62
C SER A 329 -27.08 38.35 19.05
N LEU A 330 -27.96 38.30 18.03
CA LEU A 330 -28.59 39.50 17.45
C LEU A 330 -29.67 40.03 18.41
N LYS A 331 -30.52 39.12 18.94
CA LYS A 331 -31.66 39.39 19.85
C LYS A 331 -31.27 39.67 21.30
N ASN A 332 -30.11 39.17 21.72
CA ASN A 332 -29.64 39.28 23.10
C ASN A 332 -28.14 39.70 23.09
N PRO A 333 -27.81 40.96 22.69
CA PRO A 333 -26.38 41.35 22.64
C PRO A 333 -25.76 41.59 24.02
N LYS B 5 9.80 29.46 -19.16
CA LYS B 5 8.44 29.96 -19.41
C LYS B 5 7.40 28.88 -19.06
N LEU B 6 7.25 27.88 -19.95
CA LEU B 6 6.33 26.77 -19.76
C LEU B 6 6.91 25.80 -18.76
N GLU B 7 6.92 26.19 -17.47
CA GLU B 7 7.48 25.33 -16.43
C GLU B 7 6.97 25.68 -15.04
N LEU B 8 7.12 24.74 -14.10
CA LEU B 8 6.74 24.91 -12.71
C LEU B 8 7.97 24.70 -11.85
N ARG B 9 8.12 25.49 -10.81
CA ARG B 9 9.27 25.41 -9.91
C ARG B 9 8.87 25.25 -8.46
N LEU B 10 9.59 24.35 -7.76
CA LEU B 10 9.44 24.14 -6.34
C LEU B 10 10.75 24.45 -5.65
N LYS B 11 10.74 25.46 -4.76
CA LYS B 11 11.95 25.82 -4.02
C LYS B 11 12.22 24.79 -2.95
N SER B 12 13.48 24.47 -2.76
CA SER B 12 13.90 23.53 -1.74
C SER B 12 13.70 24.10 -0.32
N PRO B 13 13.17 23.32 0.63
CA PRO B 13 13.06 23.83 2.03
C PRO B 13 14.40 24.14 2.69
N VAL B 14 15.53 23.62 2.16
CA VAL B 14 16.87 23.80 2.73
C VAL B 14 17.84 24.62 1.82
N GLY B 15 17.31 25.27 0.79
CA GLY B 15 18.12 26.11 -0.07
C GLY B 15 18.89 25.43 -1.18
N ALA B 16 18.57 24.17 -1.45
CA ALA B 16 19.18 23.44 -2.57
C ALA B 16 18.58 23.99 -3.89
N GLU B 17 19.09 23.53 -5.05
CA GLU B 17 18.58 23.99 -6.35
C GLU B 17 17.07 23.65 -6.47
N PRO B 18 16.24 24.57 -7.03
CA PRO B 18 14.80 24.25 -7.13
C PRO B 18 14.48 23.05 -8.03
N ALA B 19 13.39 22.34 -7.74
CA ALA B 19 12.89 21.25 -8.59
C ALA B 19 12.14 21.96 -9.74
N VAL B 20 12.51 21.66 -10.98
CA VAL B 20 11.94 22.34 -12.16
C VAL B 20 11.22 21.31 -13.03
N TYR B 21 9.93 21.57 -13.32
CA TYR B 21 9.10 20.67 -14.11
C TYR B 21 8.63 21.33 -15.39
N PRO B 22 8.71 20.67 -16.55
CA PRO B 22 8.16 21.31 -17.77
C PRO B 22 6.63 21.24 -17.79
N TRP B 23 5.99 22.18 -18.50
CA TRP B 23 4.56 22.17 -18.74
C TRP B 23 4.41 21.91 -20.25
N PRO B 24 3.56 20.97 -20.73
CA PRO B 24 2.67 20.06 -19.96
C PRO B 24 3.47 19.14 -19.06
N LEU B 25 2.94 18.83 -17.89
CA LEU B 25 3.62 17.98 -16.93
C LEU B 25 3.73 16.53 -17.43
N PRO B 26 4.88 15.85 -17.22
CA PRO B 26 4.99 14.44 -17.64
C PRO B 26 4.02 13.49 -16.91
N VAL B 27 3.57 12.51 -17.66
CA VAL B 27 2.76 11.42 -17.10
C VAL B 27 3.71 10.27 -16.89
N TYR B 28 3.70 9.72 -15.68
CA TYR B 28 4.59 8.63 -15.35
C TYR B 28 4.10 7.25 -15.81
N ASP B 29 2.90 6.88 -15.37
CA ASP B 29 2.22 5.64 -15.68
C ASP B 29 0.74 5.92 -15.49
N LYS B 30 -0.08 4.86 -15.55
CA LYS B 30 -1.53 4.94 -15.46
C LYS B 30 -2.02 5.58 -14.15
N HIS B 31 -1.24 5.39 -13.04
CA HIS B 31 -1.65 5.84 -11.72
C HIS B 31 -0.86 7.04 -11.14
N HIS B 32 0.38 7.30 -11.60
CA HIS B 32 1.14 8.47 -11.14
C HIS B 32 1.39 9.48 -12.28
N ASP B 33 1.38 10.79 -11.95
CA ASP B 33 1.76 11.88 -12.85
C ASP B 33 2.49 12.96 -12.07
N ALA B 34 3.25 13.82 -12.77
CA ALA B 34 4.00 14.91 -12.18
C ALA B 34 3.16 15.89 -11.35
N ALA B 35 1.89 16.16 -11.76
CA ALA B 35 1.01 17.11 -11.04
C ALA B 35 0.74 16.68 -9.61
N HIS B 36 0.46 15.40 -9.40
CA HIS B 36 0.22 14.80 -8.08
C HIS B 36 1.51 14.68 -7.29
N GLU B 37 2.64 14.48 -7.97
CA GLU B 37 3.94 14.43 -7.33
C GLU B 37 4.24 15.81 -6.71
N ILE B 38 3.93 16.92 -7.45
CA ILE B 38 4.11 18.28 -6.99
C ILE B 38 3.28 18.57 -5.70
N ILE B 39 1.99 18.23 -5.73
CA ILE B 39 1.05 18.44 -4.65
C ILE B 39 1.47 17.64 -3.42
N GLU B 40 1.85 16.38 -3.61
CA GLU B 40 2.26 15.51 -2.51
C GLU B 40 3.58 15.97 -1.93
N THR B 41 4.51 16.47 -2.78
CA THR B 41 5.78 17.04 -2.32
C THR B 41 5.51 18.25 -1.38
N ILE B 42 4.60 19.19 -1.81
CA ILE B 42 4.23 20.37 -1.02
C ILE B 42 3.67 19.91 0.32
N ARG B 43 2.76 18.96 0.30
CA ARG B 43 2.14 18.41 1.50
C ARG B 43 3.14 17.77 2.47
N TRP B 44 4.10 16.95 1.96
CA TRP B 44 5.14 16.35 2.81
C TRP B 44 6.02 17.42 3.44
N VAL B 45 6.42 18.45 2.66
CA VAL B 45 7.25 19.56 3.16
C VAL B 45 6.50 20.36 4.26
N CYS B 46 5.19 20.56 4.11
CA CYS B 46 4.40 21.25 5.13
C CYS B 46 4.24 20.46 6.41
N GLU B 47 4.16 19.14 6.31
CA GLU B 47 4.05 18.22 7.43
C GLU B 47 5.35 18.22 8.23
N GLU B 48 6.48 18.24 7.51
CA GLU B 48 7.86 18.25 7.99
C GLU B 48 8.21 19.57 8.71
N ILE B 49 7.73 20.71 8.20
CA ILE B 49 8.04 22.05 8.75
C ILE B 49 6.77 22.73 9.24
N PRO B 50 6.50 22.66 10.57
CA PRO B 50 5.29 23.32 11.10
C PRO B 50 5.18 24.81 10.78
N ASP B 51 6.31 25.57 10.74
CA ASP B 51 6.27 27.03 10.43
C ASP B 51 5.80 27.24 8.98
N LEU B 52 6.21 26.33 8.08
CA LEU B 52 5.81 26.36 6.66
C LEU B 52 4.29 26.21 6.49
N LYS B 53 3.66 25.31 7.27
CA LYS B 53 2.22 25.06 7.28
C LYS B 53 1.49 26.30 7.79
N LEU B 54 2.05 27.01 8.82
CA LEU B 54 1.49 28.26 9.34
C LEU B 54 1.57 29.37 8.31
N ALA B 55 2.75 29.46 7.62
CA ALA B 55 2.97 30.53 6.65
C ALA B 55 2.17 30.33 5.41
N MET B 56 2.10 29.11 4.89
CA MET B 56 1.40 28.89 3.62
C MET B 56 -0.12 29.15 3.66
N GLU B 57 -0.66 29.81 2.61
CA GLU B 57 -2.11 30.04 2.47
C GLU B 57 -2.63 28.68 1.97
N ASN B 58 -3.03 27.83 2.93
CA ASN B 58 -3.34 26.41 2.70
C ASN B 58 -4.65 26.08 1.90
N TYR B 59 -5.56 27.05 1.67
CA TYR B 59 -6.78 26.79 0.88
C TYR B 59 -6.44 26.34 -0.57
N VAL B 60 -5.18 26.59 -0.97
CA VAL B 60 -4.70 26.31 -2.31
C VAL B 60 -4.45 24.79 -2.53
N LEU B 61 -4.27 24.03 -1.43
CA LEU B 61 -4.08 22.58 -1.50
C LEU B 61 -5.42 21.80 -1.60
N ILE B 62 -6.53 22.51 -1.55
CA ILE B 62 -7.89 21.99 -1.70
C ILE B 62 -8.32 22.39 -3.13
N ASP B 63 -8.20 23.69 -3.42
CA ASP B 63 -8.58 24.38 -4.65
C ASP B 63 -7.45 24.35 -5.70
N TYR B 64 -7.40 23.25 -6.47
CA TYR B 64 -6.42 23.07 -7.53
C TYR B 64 -7.01 22.31 -8.70
N ASP B 65 -6.54 22.61 -9.90
CA ASP B 65 -6.93 21.95 -11.14
C ASP B 65 -5.61 21.58 -11.81
N THR B 66 -5.31 20.27 -11.83
CA THR B 66 -4.08 19.71 -12.39
C THR B 66 -3.98 19.92 -13.91
N LYS B 67 -5.11 20.19 -14.57
CA LYS B 67 -5.20 20.41 -16.01
C LYS B 67 -5.15 21.88 -16.35
N SER B 68 -4.88 22.73 -15.37
CA SER B 68 -4.76 24.18 -15.60
C SER B 68 -3.35 24.68 -15.20
N PHE B 69 -2.63 25.24 -16.18
CA PHE B 69 -1.28 25.78 -15.96
C PHE B 69 -1.32 26.86 -14.89
N GLU B 70 -2.26 27.82 -15.02
CA GLU B 70 -2.46 28.95 -14.10
C GLU B 70 -2.75 28.49 -12.68
N SER B 71 -3.55 27.43 -12.54
CA SER B 71 -3.90 26.86 -11.25
C SER B 71 -2.69 26.16 -10.61
N MET B 72 -1.92 25.41 -11.41
CA MET B 72 -0.72 24.73 -10.91
C MET B 72 0.39 25.74 -10.57
N GLN B 73 0.49 26.81 -11.35
CA GLN B 73 1.44 27.90 -11.13
C GLN B 73 1.17 28.66 -9.81
N ARG B 74 -0.11 28.91 -9.49
CA ARG B 74 -0.57 29.59 -8.30
C ARG B 74 -0.27 28.76 -7.07
N LEU B 75 -0.49 27.43 -7.13
CA LEU B 75 -0.18 26.49 -6.07
C LEU B 75 1.35 26.52 -5.73
N CYS B 76 2.19 26.44 -6.79
CA CYS B 76 3.64 26.49 -6.67
C CYS B 76 4.10 27.84 -6.12
N ASP B 77 3.46 28.94 -6.56
CA ASP B 77 3.79 30.28 -6.09
C ASP B 77 3.50 30.45 -4.57
N LYS B 78 2.39 29.87 -4.08
CA LYS B 78 2.00 29.95 -2.67
C LYS B 78 2.99 29.21 -1.79
N TYR B 79 3.44 28.04 -2.26
CA TYR B 79 4.42 27.25 -1.55
C TYR B 79 5.77 28.00 -1.55
N ASN B 80 6.20 28.49 -2.73
CA ASN B 80 7.47 29.21 -2.88
C ASN B 80 7.59 30.49 -2.03
N ARG B 81 6.51 31.25 -1.93
CA ARG B 81 6.44 32.47 -1.12
C ARG B 81 6.50 32.11 0.37
N ALA B 82 5.88 30.99 0.75
CA ALA B 82 5.87 30.51 2.13
C ALA B 82 7.28 30.06 2.54
N ILE B 83 8.04 29.45 1.60
CA ILE B 83 9.41 29.01 1.77
C ILE B 83 10.31 30.24 2.00
N ASP B 84 10.08 31.29 1.21
CA ASP B 84 10.78 32.55 1.33
C ASP B 84 10.58 33.23 2.70
N SER B 85 9.33 33.14 3.23
CA SER B 85 8.97 33.75 4.51
C SER B 85 9.67 33.03 5.67
N ILE B 86 9.71 31.69 5.60
CA ILE B 86 10.33 30.79 6.56
C ILE B 86 11.87 30.99 6.55
N HIS B 87 12.44 31.20 5.35
CA HIS B 87 13.84 31.51 5.18
C HIS B 87 14.18 32.85 5.80
N GLN B 88 13.24 33.84 5.74
CA GLN B 88 13.43 35.13 6.39
C GLN B 88 13.35 34.99 7.91
N LEU B 89 12.37 34.21 8.39
CA LEU B 89 12.14 33.95 9.80
C LEU B 89 13.36 33.26 10.42
N TRP B 90 13.99 32.31 9.70
CA TRP B 90 15.16 31.60 10.19
C TRP B 90 16.42 32.44 10.20
N LYS B 91 16.52 33.46 9.29
CA LYS B 91 17.63 34.43 9.22
C LYS B 91 17.71 35.16 10.58
N GLY B 92 16.56 35.59 11.11
CA GLY B 92 16.44 36.27 12.39
C GLY B 92 16.59 35.40 13.65
N THR B 93 16.87 34.09 13.51
CA THR B 93 17.04 33.19 14.67
C THR B 93 18.48 32.73 14.76
N LEU B 99 18.59 20.57 10.44
CA LEU B 99 17.55 19.59 10.14
C LEU B 99 18.00 18.48 9.15
N ASN B 100 19.36 18.16 9.10
CA ASN B 100 19.91 17.06 8.28
C ASN B 100 19.63 15.73 9.01
N THR B 101 18.35 15.38 9.06
CA THR B 101 17.84 14.21 9.77
C THR B 101 17.48 13.06 8.79
N ARG B 102 17.19 11.87 9.32
CA ARG B 102 16.76 10.76 8.48
C ARG B 102 15.27 10.96 8.08
N PRO B 103 14.89 10.60 6.85
CA PRO B 103 13.49 10.82 6.47
C PRO B 103 12.52 9.93 7.25
N SER B 104 11.31 10.42 7.54
CA SER B 104 10.24 9.60 8.11
C SER B 104 9.94 8.51 7.03
N THR B 105 9.30 7.41 7.43
CA THR B 105 8.96 6.30 6.54
C THR B 105 8.05 6.77 5.39
N GLY B 106 7.05 7.60 5.71
CA GLY B 106 6.10 8.15 4.75
C GLY B 106 6.77 9.01 3.71
N LEU B 107 7.71 9.86 4.13
CA LEU B 107 8.48 10.71 3.22
C LEU B 107 9.38 9.87 2.34
N LEU B 108 10.10 8.87 2.90
CA LEU B 108 10.99 7.97 2.16
C LEU B 108 10.25 7.23 1.04
N ARG B 109 9.04 6.74 1.35
CA ARG B 109 8.19 6.09 0.36
C ARG B 109 7.95 7.05 -0.82
N HIS B 110 7.58 8.32 -0.50
CA HIS B 110 7.37 9.38 -1.48
C HIS B 110 8.65 9.68 -2.28
N ILE B 111 9.80 9.82 -1.61
CA ILE B 111 11.12 10.05 -2.23
C ILE B 111 11.51 8.95 -3.22
N LEU B 112 11.34 7.67 -2.83
CA LEU B 112 11.68 6.55 -3.69
C LEU B 112 10.84 6.53 -4.97
N GLN B 113 9.53 6.78 -4.83
CA GLN B 113 8.59 6.87 -5.95
C GLN B 113 9.01 8.01 -6.91
N GLN B 114 9.39 9.14 -6.33
CA GLN B 114 9.81 10.35 -7.05
C GLN B 114 11.10 10.03 -7.83
N VAL B 115 12.06 9.41 -7.15
CA VAL B 115 13.33 8.96 -7.74
C VAL B 115 13.10 7.96 -8.87
N TYR B 116 12.22 6.98 -8.65
CA TYR B 116 11.89 6.03 -9.68
C TYR B 116 11.27 6.73 -10.93
N ASN B 117 10.25 7.57 -10.75
CA ASN B 117 9.55 8.23 -11.84
C ASN B 117 10.43 9.17 -12.64
N HIS B 118 11.42 9.82 -12.00
CA HIS B 118 12.37 10.68 -12.68
C HIS B 118 13.51 9.87 -13.36
N SER B 119 13.72 8.60 -12.99
CA SER B 119 14.80 7.76 -13.54
C SER B 119 14.35 6.81 -14.61
N VAL B 120 13.21 6.14 -14.40
CA VAL B 120 12.69 5.13 -15.32
C VAL B 120 11.56 5.76 -16.12
N THR B 121 11.96 6.42 -17.22
CA THR B 121 11.10 7.15 -18.15
C THR B 121 10.41 6.23 -19.15
N ASP B 122 11.06 5.11 -19.51
CA ASP B 122 10.51 4.10 -20.40
C ASP B 122 10.16 2.88 -19.52
N PRO B 123 8.87 2.77 -19.10
CA PRO B 123 8.50 1.65 -18.20
C PRO B 123 8.49 0.28 -18.88
N GLU B 124 8.25 0.25 -20.21
CA GLU B 124 8.22 -0.97 -21.01
C GLU B 124 9.60 -1.67 -21.07
N LYS B 125 10.69 -0.88 -21.04
CA LYS B 125 12.10 -1.34 -21.06
C LYS B 125 12.38 -2.42 -20.00
N LEU B 126 11.91 -2.22 -18.74
CA LEU B 126 12.08 -3.18 -17.65
C LEU B 126 11.10 -4.34 -17.82
N ASN B 127 11.61 -5.51 -18.28
CA ASN B 127 10.86 -6.74 -18.52
C ASN B 127 10.36 -7.32 -17.18
N ASN B 128 9.24 -6.75 -16.67
CA ASN B 128 8.67 -7.11 -15.39
C ASN B 128 7.14 -7.32 -15.43
N TYR B 129 6.74 -8.61 -15.54
CA TYR B 129 5.36 -9.11 -15.55
C TYR B 129 5.12 -9.98 -14.29
N GLU B 130 6.00 -9.80 -13.27
CA GLU B 130 6.02 -10.48 -11.98
C GLU B 130 5.08 -9.79 -10.95
N PRO B 131 4.71 -10.46 -9.82
CA PRO B 131 3.84 -9.80 -8.81
C PRO B 131 4.49 -8.56 -8.15
N PHE B 132 5.84 -8.55 -8.14
CA PHE B 132 6.65 -7.46 -7.63
C PHE B 132 7.51 -6.98 -8.79
N SER B 133 7.50 -5.67 -9.02
CA SER B 133 8.26 -5.01 -10.08
C SER B 133 8.62 -3.60 -9.61
N PRO B 134 9.73 -3.01 -10.10
CA PRO B 134 10.14 -1.67 -9.62
C PRO B 134 9.05 -0.60 -9.59
N GLU B 135 8.16 -0.66 -10.57
CA GLU B 135 7.02 0.22 -10.82
C GLU B 135 6.05 0.26 -9.62
N VAL B 136 5.90 -0.85 -8.90
CA VAL B 136 4.96 -0.97 -7.77
C VAL B 136 5.66 -1.17 -6.43
N TYR B 137 6.96 -0.86 -6.37
CA TYR B 137 7.78 -0.97 -5.17
C TYR B 137 7.13 -0.33 -3.91
N GLY B 138 6.68 0.92 -4.02
CA GLY B 138 6.04 1.64 -2.93
C GLY B 138 4.75 1.01 -2.41
N GLU B 139 4.03 0.35 -3.30
CA GLU B 139 2.73 -0.26 -3.02
C GLU B 139 2.82 -1.65 -2.43
N THR B 140 3.80 -2.44 -2.87
CA THR B 140 3.93 -3.83 -2.47
C THR B 140 5.13 -4.14 -1.54
N SER B 141 6.35 -3.78 -1.98
CA SER B 141 7.64 -4.08 -1.38
C SER B 141 8.13 -3.17 -0.25
N PHE B 142 7.81 -1.88 -0.30
CA PHE B 142 8.29 -0.89 0.64
C PHE B 142 8.04 -1.27 2.11
N ASP B 143 6.81 -1.61 2.45
CA ASP B 143 6.39 -1.96 3.80
C ASP B 143 7.08 -3.21 4.31
N LEU B 144 7.35 -4.16 3.43
CA LEU B 144 8.06 -5.40 3.79
C LEU B 144 9.51 -5.08 4.11
N VAL B 145 10.18 -4.31 3.24
CA VAL B 145 11.56 -3.88 3.47
C VAL B 145 11.66 -3.08 4.77
N ALA B 146 10.65 -2.23 5.06
CA ALA B 146 10.62 -1.44 6.29
C ALA B 146 10.55 -2.35 7.52
N GLN B 147 9.81 -3.47 7.38
CA GLN B 147 9.66 -4.49 8.42
C GLN B 147 10.96 -5.26 8.62
N MET B 148 11.67 -5.58 7.52
CA MET B 148 12.97 -6.28 7.53
C MET B 148 14.04 -5.40 8.19
N ILE B 149 14.06 -4.09 7.89
CA ILE B 149 14.99 -3.12 8.48
C ILE B 149 14.78 -3.08 10.02
N ASP B 150 13.52 -3.05 10.49
CA ASP B 150 13.18 -3.03 11.92
C ASP B 150 13.57 -4.31 12.65
N GLU B 151 13.51 -5.45 11.95
CA GLU B 151 13.81 -6.77 12.51
C GLU B 151 15.29 -7.04 12.65
N ILE B 152 16.02 -6.92 11.53
CA ILE B 152 17.45 -7.18 11.41
C ILE B 152 18.11 -5.86 11.77
N LYS B 153 18.39 -5.69 13.07
CA LYS B 153 18.98 -4.46 13.58
C LYS B 153 20.42 -4.36 13.11
N MET B 154 20.73 -3.29 12.36
CA MET B 154 22.07 -3.08 11.83
C MET B 154 22.78 -1.94 12.54
N THR B 155 24.10 -2.07 12.76
CA THR B 155 24.92 -1.05 13.40
C THR B 155 26.00 -0.54 12.44
N ASP B 156 26.84 0.41 12.92
CA ASP B 156 27.95 1.00 12.19
C ASP B 156 29.07 -0.01 11.90
N ASP B 157 29.06 -1.17 12.58
CA ASP B 157 30.02 -2.25 12.38
C ASP B 157 29.63 -3.12 11.16
N ASP B 158 28.39 -3.02 10.70
CA ASP B 158 27.86 -3.82 9.62
C ASP B 158 28.14 -3.30 8.21
N LEU B 159 28.28 -4.24 7.28
CA LEU B 159 28.40 -4.00 5.86
C LEU B 159 27.20 -4.75 5.25
N PHE B 160 26.42 -4.05 4.42
CA PHE B 160 25.21 -4.56 3.80
C PHE B 160 25.40 -4.73 2.28
N VAL B 161 24.89 -5.83 1.75
CA VAL B 161 24.92 -6.12 0.31
C VAL B 161 23.55 -6.70 -0.11
N ASP B 162 22.97 -6.15 -1.16
CA ASP B 162 21.78 -6.67 -1.81
C ASP B 162 22.27 -7.35 -3.10
N LEU B 163 22.25 -8.69 -3.15
CA LEU B 163 22.72 -9.49 -4.30
C LEU B 163 21.64 -9.60 -5.37
N GLY B 164 21.80 -8.86 -6.47
CA GLY B 164 20.80 -8.75 -7.53
C GLY B 164 19.85 -7.64 -7.14
N SER B 165 20.42 -6.42 -7.03
CA SER B 165 19.75 -5.22 -6.57
C SER B 165 18.86 -4.51 -7.58
N GLY B 166 18.84 -4.98 -8.85
CA GLY B 166 18.02 -4.40 -9.91
C GLY B 166 18.25 -2.92 -10.10
N VAL B 167 17.17 -2.09 -10.01
CA VAL B 167 17.24 -0.62 -10.13
C VAL B 167 17.74 0.02 -8.81
N GLY B 168 17.82 -0.78 -7.74
CA GLY B 168 18.45 -0.39 -6.47
C GLY B 168 17.63 0.13 -5.33
N GLN B 169 16.28 0.04 -5.38
CA GLN B 169 15.38 0.61 -4.36
C GLN B 169 15.51 0.00 -2.96
N VAL B 170 15.88 -1.29 -2.83
CA VAL B 170 16.07 -1.93 -1.52
C VAL B 170 17.31 -1.30 -0.85
N VAL B 171 18.39 -1.10 -1.64
CA VAL B 171 19.64 -0.49 -1.16
C VAL B 171 19.38 0.96 -0.70
N LEU B 172 18.64 1.75 -1.52
CA LEU B 172 18.32 3.16 -1.21
C LEU B 172 17.52 3.27 0.06
N GLN B 173 16.53 2.36 0.23
CA GLN B 173 15.68 2.30 1.43
C GLN B 173 16.49 1.94 2.68
N VAL B 174 17.33 0.89 2.61
CA VAL B 174 18.17 0.48 3.74
C VAL B 174 19.16 1.60 4.08
N ALA B 175 19.80 2.20 3.06
CA ALA B 175 20.77 3.31 3.26
C ALA B 175 20.12 4.52 3.92
N ALA B 176 18.86 4.83 3.55
CA ALA B 176 18.17 5.96 4.17
C ALA B 176 17.76 5.66 5.61
N ALA B 177 17.70 4.37 6.01
CA ALA B 177 17.22 3.95 7.31
C ALA B 177 18.27 3.52 8.33
N THR B 178 19.42 2.98 7.92
CA THR B 178 20.43 2.46 8.85
C THR B 178 21.75 3.22 8.85
N ASN B 179 22.60 2.90 9.84
CA ASN B 179 23.95 3.47 9.96
C ASN B 179 25.07 2.44 9.65
N CYS B 180 24.84 1.50 8.67
CA CYS B 180 25.88 0.55 8.22
C CYS B 180 27.02 1.37 7.69
N LYS B 181 28.24 0.84 7.84
CA LYS B 181 29.47 1.41 7.31
C LYS B 181 29.26 1.75 5.82
N HIS B 182 28.67 0.81 5.06
CA HIS B 182 28.41 0.94 3.64
C HIS B 182 27.32 -0.04 3.21
N HIS B 183 26.57 0.32 2.17
CA HIS B 183 25.51 -0.48 1.58
C HIS B 183 25.85 -0.67 0.13
N TYR B 184 25.81 -1.90 -0.32
CA TYR B 184 26.11 -2.21 -1.72
C TYR B 184 24.96 -2.89 -2.39
N GLY B 185 24.85 -2.62 -3.67
CA GLY B 185 23.90 -3.25 -4.54
C GLY B 185 24.68 -3.72 -5.74
N VAL B 186 24.55 -5.00 -6.05
CA VAL B 186 25.25 -5.55 -7.20
C VAL B 186 24.21 -6.11 -8.18
N GLU B 187 24.25 -5.64 -9.44
CA GLU B 187 23.35 -6.07 -10.50
C GLU B 187 24.11 -6.46 -11.78
N LYS B 188 23.80 -7.64 -12.31
CA LYS B 188 24.39 -8.26 -13.51
C LYS B 188 23.75 -7.76 -14.79
N ALA B 189 22.41 -7.69 -14.83
CA ALA B 189 21.64 -7.30 -16.02
C ALA B 189 21.86 -5.84 -16.43
N ASP B 190 22.12 -5.62 -17.72
CA ASP B 190 22.42 -4.33 -18.34
C ASP B 190 21.35 -3.25 -18.15
N ILE B 191 20.07 -3.56 -18.46
CA ILE B 191 18.95 -2.61 -18.37
C ILE B 191 18.77 -2.10 -16.93
N PRO B 192 18.54 -2.95 -15.89
CA PRO B 192 18.43 -2.39 -14.53
C PRO B 192 19.70 -1.71 -14.00
N ALA B 193 20.90 -2.25 -14.31
CA ALA B 193 22.18 -1.66 -13.87
C ALA B 193 22.36 -0.24 -14.43
N LYS B 194 21.93 0.01 -15.68
CA LYS B 194 22.00 1.33 -16.31
C LYS B 194 21.02 2.26 -15.62
N TYR B 195 19.76 1.82 -15.38
CA TYR B 195 18.75 2.60 -14.66
C TYR B 195 19.20 2.96 -13.24
N ALA B 196 19.89 2.04 -12.54
CA ALA B 196 20.43 2.23 -11.19
C ALA B 196 21.39 3.42 -11.12
N GLU B 197 22.09 3.72 -12.23
CA GLU B 197 23.02 4.87 -12.29
C GLU B 197 22.26 6.17 -12.17
N THR B 198 21.09 6.27 -12.83
CA THR B 198 20.21 7.43 -12.78
C THR B 198 19.53 7.51 -11.40
N MET B 199 19.02 6.35 -10.89
CA MET B 199 18.37 6.19 -9.56
C MET B 199 19.29 6.74 -8.45
N ASP B 200 20.58 6.38 -8.51
CA ASP B 200 21.63 6.84 -7.61
C ASP B 200 21.74 8.37 -7.60
N ARG B 201 21.86 8.99 -8.81
CA ARG B 201 21.96 10.44 -8.98
C ARG B 201 20.67 11.14 -8.51
N GLU B 202 19.49 10.63 -8.92
CA GLU B 202 18.20 11.19 -8.53
C GLU B 202 17.97 11.09 -6.99
N PHE B 203 18.44 9.98 -6.38
CA PHE B 203 18.29 9.77 -4.93
C PHE B 203 19.10 10.80 -4.15
N ARG B 204 20.39 10.94 -4.49
CA ARG B 204 21.30 11.89 -3.84
C ARG B 204 20.78 13.30 -3.99
N LYS B 205 20.26 13.65 -5.20
CA LYS B 205 19.71 14.96 -5.50
C LYS B 205 18.44 15.26 -4.65
N TRP B 206 17.43 14.38 -4.70
CA TRP B 206 16.20 14.58 -3.97
C TRP B 206 16.41 14.60 -2.45
N MET B 207 17.25 13.70 -1.92
CA MET B 207 17.57 13.69 -0.50
C MET B 207 18.18 15.02 -0.07
N LYS B 208 19.02 15.63 -0.92
CA LYS B 208 19.62 16.96 -0.70
C LYS B 208 18.51 18.02 -0.72
N TRP B 209 17.57 17.92 -1.69
CA TRP B 209 16.43 18.85 -1.84
C TRP B 209 15.57 18.91 -0.57
N TYR B 210 15.27 17.76 0.05
CA TYR B 210 14.49 17.70 1.28
C TYR B 210 15.33 17.98 2.51
N GLY B 211 16.65 17.90 2.37
CA GLY B 211 17.59 18.10 3.48
C GLY B 211 17.67 16.88 4.35
N LYS B 212 17.62 15.70 3.74
CA LYS B 212 17.59 14.42 4.43
C LYS B 212 18.91 13.65 4.34
N LYS B 213 19.28 12.98 5.44
CA LYS B 213 20.50 12.20 5.48
C LYS B 213 20.27 10.71 5.16
N HIS B 214 21.29 10.09 4.62
CA HIS B 214 21.36 8.68 4.26
C HIS B 214 22.79 8.22 4.48
N ALA B 215 22.96 6.92 4.74
CA ALA B 215 24.27 6.28 4.93
C ALA B 215 24.97 6.20 3.54
N GLU B 216 26.22 5.78 3.53
CA GLU B 216 26.97 5.63 2.29
C GLU B 216 26.51 4.39 1.59
N TYR B 217 26.40 4.48 0.26
CA TYR B 217 25.98 3.34 -0.54
C TYR B 217 26.59 3.41 -1.94
N THR B 218 26.69 2.25 -2.60
CA THR B 218 27.18 2.10 -3.95
C THR B 218 26.28 1.13 -4.68
N LEU B 219 25.81 1.52 -5.85
CA LEU B 219 25.04 0.70 -6.79
C LEU B 219 26.04 0.37 -7.90
N GLU B 220 26.41 -0.92 -8.05
CA GLU B 220 27.41 -1.30 -9.06
C GLU B 220 26.97 -2.44 -9.95
N ARG B 221 27.53 -2.46 -11.17
CA ARG B 221 27.30 -3.51 -12.16
C ARG B 221 28.31 -4.62 -11.87
N GLY B 222 27.85 -5.87 -11.89
CA GLY B 222 28.72 -7.02 -11.67
C GLY B 222 27.97 -8.32 -11.48
N ASP B 223 28.70 -9.45 -11.52
CA ASP B 223 28.18 -10.79 -11.31
C ASP B 223 28.58 -11.17 -9.88
N PHE B 224 27.61 -11.38 -8.97
CA PHE B 224 27.94 -11.70 -7.58
C PHE B 224 28.52 -13.13 -7.43
N LEU B 225 28.59 -13.91 -8.53
CA LEU B 225 29.19 -15.24 -8.52
C LEU B 225 30.63 -15.22 -9.03
N SER B 226 31.16 -14.04 -9.40
CA SER B 226 32.54 -13.86 -9.89
C SER B 226 33.56 -14.07 -8.76
N GLU B 227 34.84 -14.28 -9.12
CA GLU B 227 35.93 -14.47 -8.15
C GLU B 227 36.15 -13.25 -7.24
N GLU B 228 36.01 -12.03 -7.81
CA GLU B 228 36.10 -10.76 -7.09
C GLU B 228 35.08 -10.75 -5.95
N TRP B 229 33.83 -11.17 -6.23
CA TRP B 229 32.72 -11.17 -5.29
C TRP B 229 32.76 -12.28 -4.21
N ARG B 230 33.65 -13.28 -4.34
CA ARG B 230 33.82 -14.35 -3.35
C ARG B 230 34.28 -13.80 -2.00
N GLU B 231 35.33 -12.97 -2.02
CA GLU B 231 35.88 -12.35 -0.82
C GLU B 231 34.95 -11.28 -0.29
N ARG B 232 34.29 -10.54 -1.19
CA ARG B 232 33.33 -9.51 -0.84
C ARG B 232 32.15 -10.07 -0.03
N ILE B 233 31.61 -11.25 -0.44
CA ILE B 233 30.55 -11.97 0.26
C ILE B 233 31.04 -12.48 1.63
N ALA B 234 32.24 -13.07 1.68
CA ALA B 234 32.84 -13.57 2.93
C ALA B 234 33.03 -12.45 3.98
N ASN B 235 33.25 -11.19 3.54
CA ASN B 235 33.45 -10.06 4.47
C ASN B 235 32.19 -9.26 4.78
N THR B 236 31.05 -9.62 4.14
CA THR B 236 29.74 -8.98 4.37
C THR B 236 29.09 -9.54 5.64
N SER B 237 28.55 -8.67 6.49
CA SER B 237 27.90 -9.13 7.73
C SER B 237 26.38 -9.32 7.55
N VAL B 238 25.76 -8.53 6.63
CA VAL B 238 24.33 -8.64 6.34
C VAL B 238 24.12 -8.73 4.81
N ILE B 239 23.64 -9.87 4.33
CA ILE B 239 23.30 -10.06 2.91
C ILE B 239 21.79 -10.15 2.79
N PHE B 240 21.22 -9.42 1.82
CA PHE B 240 19.82 -9.47 1.41
C PHE B 240 19.86 -10.11 0.03
N VAL B 241 19.07 -11.15 -0.19
CA VAL B 241 19.07 -11.79 -1.51
C VAL B 241 17.69 -12.32 -1.86
N ASN B 242 17.10 -11.78 -2.93
CA ASN B 242 15.83 -12.24 -3.44
C ASN B 242 16.18 -13.38 -4.39
N ASN B 243 16.23 -14.58 -3.81
CA ASN B 243 16.61 -15.84 -4.47
C ASN B 243 15.42 -16.65 -5.00
N PHE B 244 14.20 -16.13 -4.89
CA PHE B 244 12.99 -16.81 -5.32
C PHE B 244 13.10 -17.41 -6.75
N ALA B 245 13.54 -16.62 -7.75
CA ALA B 245 13.67 -17.08 -9.15
C ALA B 245 15.01 -17.80 -9.52
N PHE B 246 15.93 -17.99 -8.55
CA PHE B 246 17.22 -18.63 -8.81
C PHE B 246 17.14 -20.12 -9.13
N GLY B 247 17.92 -20.52 -10.13
CA GLY B 247 18.05 -21.92 -10.54
C GLY B 247 18.87 -22.73 -9.55
N PRO B 248 18.92 -24.07 -9.67
CA PRO B 248 19.69 -24.87 -8.70
C PRO B 248 21.19 -24.61 -8.70
N GLU B 249 21.75 -24.22 -9.86
CA GLU B 249 23.17 -23.97 -10.01
C GLU B 249 23.60 -22.69 -9.31
N VAL B 250 22.81 -21.62 -9.48
CA VAL B 250 23.05 -20.32 -8.88
C VAL B 250 22.94 -20.50 -7.36
N ASP B 251 21.91 -21.23 -6.91
CA ASP B 251 21.64 -21.55 -5.52
C ASP B 251 22.82 -22.32 -4.90
N HIS B 252 23.34 -23.33 -5.64
CA HIS B 252 24.48 -24.15 -5.23
C HIS B 252 25.74 -23.26 -5.10
N GLN B 253 26.01 -22.40 -6.10
CA GLN B 253 27.15 -21.48 -6.08
C GLN B 253 27.06 -20.47 -4.92
N LEU B 254 25.85 -19.98 -4.61
CA LEU B 254 25.62 -19.04 -3.53
C LEU B 254 25.87 -19.65 -2.17
N LYS B 255 25.37 -20.88 -1.92
CA LYS B 255 25.60 -21.60 -0.66
C LYS B 255 27.11 -21.76 -0.40
N GLU B 256 27.90 -21.94 -1.47
CA GLU B 256 29.35 -22.07 -1.44
C GLU B 256 29.98 -20.73 -1.01
N ARG B 257 29.47 -19.60 -1.51
CA ARG B 257 29.91 -18.24 -1.14
C ARG B 257 29.59 -17.99 0.33
N PHE B 258 28.39 -18.36 0.77
CA PHE B 258 27.93 -18.21 2.15
C PHE B 258 28.76 -19.03 3.15
N ALA B 259 29.30 -20.18 2.70
CA ALA B 259 30.11 -21.07 3.52
C ALA B 259 31.41 -20.42 4.00
N ASN B 260 31.84 -19.34 3.35
CA ASN B 260 33.02 -18.55 3.72
C ASN B 260 32.69 -17.39 4.66
N MET B 261 31.41 -17.17 5.00
CA MET B 261 31.05 -16.05 5.88
C MET B 261 31.49 -16.27 7.35
N LYS B 262 31.59 -15.18 8.11
CA LYS B 262 32.01 -15.17 9.51
C LYS B 262 30.84 -15.56 10.41
N GLU B 263 31.13 -16.08 11.65
CA GLU B 263 30.10 -16.43 12.64
C GLU B 263 29.24 -15.22 12.88
N GLY B 264 27.94 -15.42 12.98
CA GLY B 264 27.00 -14.33 13.20
C GLY B 264 26.65 -13.52 11.97
N GLY B 265 27.22 -13.88 10.83
CA GLY B 265 26.90 -13.27 9.53
C GLY B 265 25.48 -13.66 9.22
N ARG B 266 24.72 -12.73 8.65
CA ARG B 266 23.30 -12.94 8.40
C ARG B 266 22.91 -12.84 6.94
N ILE B 267 21.96 -13.68 6.55
CA ILE B 267 21.42 -13.71 5.19
C ILE B 267 19.91 -13.65 5.29
N VAL B 268 19.32 -12.61 4.68
CA VAL B 268 17.88 -12.52 4.65
C VAL B 268 17.47 -12.70 3.18
N SER B 269 16.65 -13.75 2.95
CA SER B 269 16.19 -14.11 1.62
C SER B 269 14.68 -14.26 1.50
N SER B 270 14.19 -14.43 0.27
CA SER B 270 12.76 -14.63 -0.01
C SER B 270 12.41 -16.15 0.03
N LYS B 271 13.39 -17.01 -0.15
CA LYS B 271 13.18 -18.46 -0.12
C LYS B 271 14.32 -19.04 0.78
N PRO B 272 14.06 -19.96 1.75
CA PRO B 272 15.16 -20.45 2.61
C PRO B 272 16.24 -21.21 1.86
N PHE B 273 17.51 -21.08 2.28
CA PHE B 273 18.65 -21.79 1.68
C PHE B 273 18.81 -23.18 2.28
N ALA B 274 18.22 -23.39 3.45
CA ALA B 274 18.27 -24.65 4.18
C ALA B 274 16.89 -24.90 4.80
N PRO B 275 16.48 -26.17 5.03
CA PRO B 275 15.17 -26.41 5.67
C PRO B 275 15.13 -25.83 7.07
N LEU B 276 13.95 -25.33 7.46
CA LEU B 276 13.71 -24.71 8.77
C LEU B 276 13.85 -25.71 9.91
N ASN B 277 13.63 -27.00 9.61
CA ASN B 277 13.63 -28.15 10.51
C ASN B 277 14.83 -29.09 10.24
N PHE B 278 15.93 -28.55 9.68
CA PHE B 278 17.14 -29.33 9.36
C PHE B 278 17.65 -30.12 10.56
N ARG B 279 17.87 -31.42 10.37
CA ARG B 279 18.40 -32.29 11.41
C ARG B 279 19.67 -32.92 10.88
N ILE B 280 20.81 -32.54 11.47
CA ILE B 280 22.15 -33.00 11.07
C ILE B 280 22.29 -34.52 11.26
N ASN B 281 22.84 -35.17 10.23
CA ASN B 281 23.10 -36.60 10.20
C ASN B 281 24.27 -36.92 9.25
N SER B 282 24.66 -38.19 9.20
CA SER B 282 25.76 -38.69 8.38
C SER B 282 25.53 -38.51 6.86
N ARG B 283 24.26 -38.40 6.42
CA ARG B 283 23.93 -38.29 4.99
C ARG B 283 23.71 -36.88 4.45
N ASN B 284 23.76 -35.85 5.33
CA ASN B 284 23.56 -34.45 4.95
C ASN B 284 24.61 -33.49 5.53
N LEU B 285 25.87 -33.94 5.65
CA LEU B 285 26.98 -33.14 6.19
C LEU B 285 27.51 -32.14 5.19
N SER B 286 27.25 -32.37 3.89
CA SER B 286 27.69 -31.47 2.83
C SER B 286 26.75 -30.26 2.72
N ASP B 287 25.55 -30.36 3.31
CA ASP B 287 24.50 -29.33 3.30
C ASP B 287 24.84 -28.07 4.08
N ILE B 288 24.35 -26.93 3.60
CA ILE B 288 24.54 -25.60 4.23
C ILE B 288 23.88 -25.48 5.65
N GLY B 289 22.77 -26.20 5.88
CA GLY B 289 22.07 -26.21 7.16
C GLY B 289 22.88 -26.70 8.34
N THR B 290 24.06 -27.20 8.03
CA THR B 290 25.05 -27.71 8.97
C THR B 290 25.81 -26.52 9.67
N ILE B 291 25.85 -25.32 9.01
CA ILE B 291 26.58 -24.15 9.53
C ILE B 291 25.72 -22.90 9.72
N MET B 292 24.39 -23.03 9.70
CA MET B 292 23.50 -21.89 9.90
C MET B 292 22.18 -22.23 10.52
N ARG B 293 21.65 -21.32 11.34
CA ARG B 293 20.31 -21.36 11.92
C ARG B 293 19.44 -20.64 10.91
N VAL B 294 18.22 -21.13 10.66
CA VAL B 294 17.27 -20.55 9.71
C VAL B 294 15.95 -20.28 10.44
N VAL B 295 15.37 -19.08 10.26
CA VAL B 295 14.07 -18.74 10.85
C VAL B 295 13.16 -18.07 9.82
N GLU B 296 11.87 -18.40 9.89
CA GLU B 296 10.86 -17.82 9.01
C GLU B 296 10.29 -16.64 9.76
N LEU B 297 10.36 -15.46 9.13
CA LEU B 297 9.85 -14.23 9.69
C LEU B 297 8.72 -13.73 8.81
N SER B 298 7.67 -13.20 9.43
CA SER B 298 6.52 -12.70 8.68
C SER B 298 5.95 -11.46 9.30
N PRO B 299 5.60 -10.45 8.49
CA PRO B 299 4.95 -9.26 9.06
C PRO B 299 3.62 -9.57 9.79
N LEU B 300 2.90 -10.62 9.35
CA LEU B 300 1.64 -11.15 9.91
C LEU B 300 1.71 -11.62 11.38
N LYS B 301 2.89 -12.05 11.85
CA LYS B 301 3.09 -12.51 13.23
C LYS B 301 3.28 -11.34 14.21
N VAL B 304 2.20 -5.05 15.46
CA VAL B 304 2.14 -5.02 14.00
C VAL B 304 0.75 -5.41 13.46
N SER B 305 0.13 -4.49 12.70
CA SER B 305 -1.18 -4.67 12.04
C SER B 305 -0.98 -4.60 10.49
N TRP B 306 -0.58 -5.74 9.91
CA TRP B 306 -0.28 -5.91 8.48
C TRP B 306 -1.53 -5.92 7.63
N THR B 307 -1.49 -5.28 6.45
CA THR B 307 -2.61 -5.23 5.50
C THR B 307 -2.13 -5.34 4.04
N GLY B 308 -0.93 -5.86 3.86
CA GLY B 308 -0.38 -6.16 2.55
C GLY B 308 -0.46 -7.67 2.31
N LYS B 309 0.14 -8.15 1.19
CA LYS B 309 0.24 -9.57 0.79
C LYS B 309 0.75 -10.47 1.95
N PRO B 310 0.25 -11.73 2.13
CA PRO B 310 0.74 -12.57 3.24
C PRO B 310 2.15 -13.16 3.00
N VAL B 311 3.16 -12.28 2.91
CA VAL B 311 4.56 -12.58 2.65
C VAL B 311 5.32 -13.06 3.89
N SER B 312 6.48 -13.68 3.61
CA SER B 312 7.42 -14.22 4.57
C SER B 312 8.81 -13.98 4.03
N TYR B 313 9.75 -13.83 4.94
CA TYR B 313 11.17 -13.72 4.61
C TYR B 313 11.92 -14.63 5.57
N TYR B 314 13.17 -14.97 5.24
CA TYR B 314 13.97 -15.96 5.95
C TYR B 314 15.29 -15.41 6.41
N LEU B 315 15.54 -15.55 7.71
CA LEU B 315 16.76 -15.08 8.34
C LEU B 315 17.68 -16.28 8.65
N HIS B 316 18.84 -16.34 7.96
CA HIS B 316 19.90 -17.35 8.15
C HIS B 316 21.04 -16.70 8.94
N THR B 317 21.53 -17.37 9.97
CA THR B 317 22.64 -16.85 10.77
C THR B 317 23.74 -17.88 10.81
N ILE B 318 24.98 -17.48 10.40
CA ILE B 318 26.16 -18.36 10.42
C ILE B 318 26.44 -18.79 11.87
N ASP B 319 26.39 -20.13 12.09
CA ASP B 319 26.54 -20.81 13.37
C ASP B 319 27.19 -22.20 13.15
N ARG B 320 28.52 -22.27 13.27
CA ARG B 320 29.24 -23.53 13.02
C ARG B 320 29.16 -24.53 14.17
N THR B 321 28.44 -24.17 15.27
CA THR B 321 28.27 -25.06 16.43
C THR B 321 27.37 -26.26 16.09
N ILE B 322 26.48 -26.14 15.08
CA ILE B 322 25.62 -27.26 14.64
C ILE B 322 26.52 -28.40 14.14
N LEU B 323 27.57 -28.04 13.37
CA LEU B 323 28.54 -28.98 12.81
C LEU B 323 29.47 -29.51 13.90
N GLU B 324 29.98 -28.58 14.74
CA GLU B 324 30.86 -28.85 15.87
C GLU B 324 30.28 -29.87 16.88
N ASN B 325 29.00 -29.65 17.33
CA ASN B 325 28.32 -30.53 18.29
C ASN B 325 28.07 -31.93 17.72
N TYR B 326 27.80 -32.04 16.39
CA TYR B 326 27.61 -33.33 15.72
C TYR B 326 28.90 -34.17 15.79
N PHE B 327 30.07 -33.53 15.56
CA PHE B 327 31.37 -34.21 15.63
C PHE B 327 31.72 -34.60 17.06
N SER B 328 31.40 -33.74 18.05
CA SER B 328 31.63 -34.01 19.46
C SER B 328 30.75 -35.16 19.96
N SER B 329 29.52 -35.28 19.41
CA SER B 329 28.59 -36.37 19.75
C SER B 329 29.06 -37.68 19.13
N LEU B 330 29.79 -37.61 17.99
CA LEU B 330 30.36 -38.79 17.34
C LEU B 330 31.60 -39.29 18.11
N LYS B 331 32.49 -38.35 18.52
CA LYS B 331 33.74 -38.60 19.24
C LYS B 331 33.55 -39.05 20.71
N ASN B 332 32.28 -39.21 21.15
CA ASN B 332 31.88 -39.68 22.49
C ASN B 332 31.10 -40.99 22.41
#